data_4XOB
#
_entry.id   4XOB
#
_cell.length_a   94.469
_cell.length_b   147.128
_cell.length_c   250.796
_cell.angle_alpha   90.00
_cell.angle_beta   90.00
_cell.angle_gamma   90.00
#
_symmetry.space_group_name_H-M   'I 21 21 21'
#
loop_
_entity.id
_entity.type
_entity.pdbx_description
1 polymer 'Protein FimH'
2 polymer FimF
3 non-polymer 'heptyl alpha-D-mannopyranoside'
4 non-polymer 'SULFATE ION'
5 water water
#
loop_
_entity_poly.entity_id
_entity_poly.type
_entity_poly.pdbx_seq_one_letter_code
_entity_poly.pdbx_strand_id
1 'polypeptide(L)'
;FACKTANGTAIPIGGGSANVYVNLAPVVNVGQNLVVDLSTQIFCHNDYPETITDYVTLQRGSAYGGVLSNFSGTVKYSGS
SYPFPTTSETPRVVYNSRTDKPWPVALYLTPVSSAGGVAIKAGSLIAVLILRQTNNYNSDDFQFVWNIYANNDVVVPTGG
CDVSARDVTVTLPDYPGSVPIPLTVYCAKSQNLGYYLSGTTADAGNSIFTNTASFSPAQGVGVQLTRNGTIIPANNTVSL
GAVGTSAVSLGLTANYARTGGQVTAGNVQSIIGVTFVYQ
;
A,C,E,G
2 'polypeptide(L)' ADSTITIRGYVRDNG B,D,F,H
#
loop_
_chem_comp.id
_chem_comp.type
_chem_comp.name
_chem_comp.formula
KGM D-saccharide 'heptyl alpha-D-mannopyranoside' 'C13 H26 O6'
SO4 non-polymer 'SULFATE ION' 'O4 S -2'
#
# COMPACT_ATOMS: atom_id res chain seq x y z
N PHE A 1 -12.39 59.96 24.23
CA PHE A 1 -12.04 58.68 23.54
C PHE A 1 -11.23 58.94 22.27
N ALA A 2 -10.05 58.34 22.18
CA ALA A 2 -9.19 58.48 21.02
C ALA A 2 -8.39 57.20 20.82
N CYS A 3 -7.70 57.10 19.68
CA CYS A 3 -6.96 55.90 19.34
C CYS A 3 -5.56 56.20 18.80
N LYS A 4 -4.65 55.24 18.98
CA LYS A 4 -3.30 55.34 18.45
C LYS A 4 -2.95 54.06 17.72
N THR A 5 -1.97 54.13 16.83
CA THR A 5 -1.44 52.94 16.20
C THR A 5 0.04 52.75 16.53
N ALA A 6 0.55 51.55 16.28
CA ALA A 6 1.96 51.25 16.51
C ALA A 6 2.85 51.92 15.47
N ASN A 7 2.36 52.06 14.24
CA ASN A 7 3.17 52.65 13.17
C ASN A 7 3.18 54.18 13.18
N GLY A 8 2.57 54.79 14.20
CA GLY A 8 2.73 56.20 14.44
C GLY A 8 1.65 57.16 13.97
N THR A 9 0.41 56.67 13.82
CA THR A 9 -0.68 57.55 13.37
C THR A 9 -1.86 57.39 14.31
N ALA A 10 -2.65 58.45 14.46
CA ALA A 10 -3.73 58.49 15.45
C ALA A 10 -5.00 59.15 14.92
N ILE A 11 -6.14 58.76 15.50
CA ILE A 11 -7.42 59.45 15.26
C ILE A 11 -7.94 60.08 16.56
N PRO A 12 -8.21 61.41 16.56
CA PRO A 12 -8.54 62.14 17.78
C PRO A 12 -9.96 61.93 18.27
N ILE A 13 -10.36 62.69 19.29
CA ILE A 13 -11.74 62.67 19.75
C ILE A 13 -12.66 63.12 18.63
N GLY A 14 -13.75 62.39 18.42
CA GLY A 14 -14.73 62.71 17.39
C GLY A 14 -14.66 61.74 16.23
N GLY A 15 -13.51 61.09 16.08
CA GLY A 15 -13.34 60.10 15.03
C GLY A 15 -12.63 60.66 13.82
N GLY A 16 -12.59 59.88 12.75
CA GLY A 16 -11.91 60.25 11.53
C GLY A 16 -11.41 59.02 10.81
N SER A 17 -10.21 59.11 10.25
CA SER A 17 -9.58 57.96 9.63
C SER A 17 -8.06 58.05 9.73
N ALA A 18 -7.40 56.92 9.55
CA ALA A 18 -5.94 56.83 9.65
C ALA A 18 -5.43 55.61 8.90
N ASN A 19 -4.20 55.69 8.41
CA ASN A 19 -3.57 54.57 7.72
C ASN A 19 -2.73 53.71 8.67
N VAL A 20 -2.94 52.41 8.62
CA VAL A 20 -2.20 51.49 9.50
C VAL A 20 -1.33 50.57 8.67
N TYR A 21 -0.02 50.69 8.86
CA TYR A 21 0.93 49.84 8.17
C TYR A 21 1.41 48.72 9.08
N VAL A 22 1.21 47.49 8.63
CA VAL A 22 1.43 46.31 9.45
C VAL A 22 2.35 45.30 8.76
N ASN A 23 3.23 44.69 9.55
CA ASN A 23 4.03 43.56 9.08
C ASN A 23 3.18 42.32 9.12
N LEU A 24 3.06 41.62 8.00
CA LEU A 24 2.21 40.43 7.96
C LEU A 24 3.00 39.16 8.15
N ALA A 25 2.49 38.29 9.01
CA ALA A 25 3.01 36.95 9.17
C ALA A 25 1.85 35.96 9.12
N PRO A 26 1.27 35.75 7.93
CA PRO A 26 0.12 34.84 7.79
C PRO A 26 0.49 33.39 8.04
N VAL A 27 -0.33 32.67 8.80
CA VAL A 27 -0.09 31.26 9.11
C VAL A 27 -1.41 30.51 9.06
N VAL A 28 -1.34 29.19 8.88
CA VAL A 28 -2.56 28.39 8.85
C VAL A 28 -2.92 27.97 10.26
N ASN A 29 -4.19 28.17 10.61
CA ASN A 29 -4.75 27.62 11.84
C ASN A 29 -5.83 26.65 11.42
N VAL A 30 -6.38 25.91 12.38
CA VAL A 30 -7.41 24.94 12.07
C VAL A 30 -8.73 25.61 11.67
N GLY A 31 -9.16 25.35 10.44
CA GLY A 31 -10.44 25.81 9.92
C GLY A 31 -10.44 27.25 9.45
N GLN A 32 -9.43 28.01 9.84
CA GLN A 32 -9.30 29.38 9.41
C GLN A 32 -7.83 29.81 9.43
N ASN A 33 -7.44 30.70 8.51
CA ASN A 33 -6.06 31.14 8.43
C ASN A 33 -5.91 32.60 8.90
N LEU A 34 -4.94 32.83 9.78
CA LEU A 34 -4.67 34.18 10.27
C LEU A 34 -3.99 35.03 9.22
N VAL A 35 -4.56 36.21 9.00
CA VAL A 35 -4.02 37.20 8.09
C VAL A 35 -3.22 38.22 8.89
N VAL A 36 -3.90 38.88 9.83
CA VAL A 36 -3.23 39.85 10.69
C VAL A 36 -3.97 40.07 12.01
N ASP A 37 -3.23 40.07 13.12
CA ASP A 37 -3.82 40.41 14.42
C ASP A 37 -3.50 41.87 14.76
N LEU A 38 -4.52 42.73 14.72
CA LEU A 38 -4.33 44.17 14.91
C LEU A 38 -4.40 44.62 16.36
N SER A 39 -4.60 43.68 17.29
CA SER A 39 -4.71 44.02 18.70
C SER A 39 -3.39 44.52 19.27
N THR A 40 -2.28 44.24 18.59
CA THR A 40 -0.98 44.79 18.96
C THR A 40 -0.63 46.01 18.12
N GLN A 41 -1.55 46.42 17.25
CA GLN A 41 -1.28 47.47 16.29
C GLN A 41 -2.13 48.72 16.57
N ILE A 42 -3.33 48.50 17.10
CA ILE A 42 -4.26 49.58 17.39
C ILE A 42 -4.73 49.59 18.85
N PHE A 43 -4.67 50.77 19.46
CA PHE A 43 -5.05 50.94 20.86
C PHE A 43 -5.96 52.14 21.04
N CYS A 44 -6.85 52.05 22.02
CA CYS A 44 -7.81 53.11 22.31
C CYS A 44 -7.85 53.35 23.81
N HIS A 45 -8.40 54.49 24.21
CA HIS A 45 -8.54 54.79 25.63
C HIS A 45 -9.76 55.66 25.91
N ASN A 46 -10.17 55.65 27.18
CA ASN A 46 -11.29 56.45 27.67
C ASN A 46 -10.74 57.68 28.39
N ASP A 47 -11.31 58.84 28.08
CA ASP A 47 -10.79 60.11 28.60
C ASP A 47 -11.37 60.52 29.96
N TYR A 48 -12.44 59.84 30.36
CA TYR A 48 -13.11 60.14 31.63
C TYR A 48 -13.64 58.84 32.20
N PRO A 49 -12.74 57.92 32.50
CA PRO A 49 -13.07 56.55 32.92
C PRO A 49 -13.78 56.53 34.27
N GLU A 50 -13.55 57.53 35.11
CA GLU A 50 -14.15 57.53 36.44
C GLU A 50 -15.65 57.81 36.35
N THR A 51 -16.05 58.51 35.29
CA THR A 51 -17.43 58.97 35.15
C THR A 51 -18.17 58.49 33.90
N ILE A 52 -17.44 58.19 32.84
CA ILE A 52 -18.02 57.80 31.55
C ILE A 52 -17.48 56.45 31.11
N THR A 53 -18.34 55.68 30.44
CA THR A 53 -17.99 54.36 29.91
C THR A 53 -18.20 54.34 28.39
N ASP A 54 -17.15 53.98 27.68
CA ASP A 54 -17.19 53.95 26.22
C ASP A 54 -17.56 52.58 25.72
N TYR A 55 -18.39 52.54 24.70
CA TYR A 55 -18.77 51.30 24.05
C TYR A 55 -18.18 51.25 22.65
N VAL A 56 -17.41 50.20 22.39
CA VAL A 56 -16.69 50.06 21.12
C VAL A 56 -17.09 48.79 20.39
N THR A 57 -17.49 48.95 19.13
CA THR A 57 -17.88 47.83 18.28
C THR A 57 -17.16 47.86 16.94
N LEU A 58 -17.12 46.71 16.28
CA LEU A 58 -16.67 46.63 14.90
C LEU A 58 -17.87 46.84 13.98
N GLN A 59 -17.94 48.03 13.39
CA GLN A 59 -19.08 48.41 12.57
C GLN A 59 -19.18 47.56 11.31
N ARG A 60 -20.37 47.52 10.73
CA ARG A 60 -20.60 46.79 9.48
C ARG A 60 -19.98 47.55 8.32
N GLY A 61 -19.61 46.79 7.29
CA GLY A 61 -18.96 47.34 6.12
C GLY A 61 -17.47 47.10 6.22
N SER A 62 -17.04 46.52 7.34
CA SER A 62 -15.62 46.19 7.50
C SER A 62 -15.33 45.00 6.60
N ALA A 63 -14.40 45.20 5.68
CA ALA A 63 -14.13 44.24 4.63
C ALA A 63 -12.66 44.11 4.31
N TYR A 64 -12.30 43.07 3.56
CA TYR A 64 -10.96 42.97 3.02
C TYR A 64 -10.93 43.88 1.82
N GLY A 65 -9.73 44.36 1.50
CA GLY A 65 -9.52 45.17 0.33
C GLY A 65 -8.54 44.49 -0.60
N GLY A 66 -8.07 45.23 -1.60
CA GLY A 66 -7.19 44.72 -2.62
C GLY A 66 -7.58 43.34 -3.14
N VAL A 67 -6.64 42.41 -3.13
CA VAL A 67 -6.86 41.10 -3.74
C VAL A 67 -7.65 40.16 -2.82
N LEU A 68 -7.53 40.37 -1.51
CA LEU A 68 -8.16 39.49 -0.52
C LEU A 68 -9.68 39.63 -0.48
N SER A 69 -10.22 40.65 -1.14
CA SER A 69 -11.65 40.90 -1.14
C SER A 69 -12.41 39.75 -1.80
N ASN A 70 -11.71 38.95 -2.60
CA ASN A 70 -12.33 37.81 -3.29
C ASN A 70 -12.56 36.63 -2.34
N PHE A 71 -12.07 36.76 -1.12
CA PHE A 71 -12.16 35.68 -0.15
C PHE A 71 -13.11 36.02 1.01
N SER A 72 -13.82 35.00 1.48
CA SER A 72 -14.61 35.11 2.71
C SER A 72 -13.80 34.59 3.88
N GLY A 73 -14.00 35.19 5.03
CA GLY A 73 -13.23 34.88 6.22
C GLY A 73 -14.07 35.06 7.47
N THR A 74 -13.39 35.08 8.61
CA THR A 74 -14.02 35.40 9.88
C THR A 74 -13.17 36.43 10.60
N VAL A 75 -13.77 37.09 11.58
CA VAL A 75 -13.06 38.07 12.39
C VAL A 75 -13.31 37.80 13.88
N LYS A 76 -12.21 37.68 14.61
N LYS A 76 -12.22 37.72 14.64
CA LYS A 76 -12.27 37.57 16.06
CA LYS A 76 -12.30 37.51 16.08
C LYS A 76 -12.31 38.96 16.67
C LYS A 76 -12.25 38.85 16.82
N TYR A 77 -13.40 39.24 17.37
CA TYR A 77 -13.55 40.50 18.07
C TYR A 77 -13.81 40.22 19.55
N SER A 78 -12.76 40.39 20.35
CA SER A 78 -12.82 40.21 21.79
C SER A 78 -13.22 38.80 22.24
N GLY A 79 -12.79 37.78 21.48
CA GLY A 79 -12.96 36.39 21.89
C GLY A 79 -13.95 35.58 21.10
N SER A 80 -14.98 36.23 20.56
CA SER A 80 -15.97 35.56 19.72
C SER A 80 -15.69 35.85 18.24
N SER A 81 -15.96 34.87 17.38
CA SER A 81 -15.69 34.98 15.95
C SER A 81 -16.96 35.23 15.16
N TYR A 82 -16.91 36.19 14.23
CA TYR A 82 -18.05 36.53 13.39
C TYR A 82 -17.66 36.46 11.92
N PRO A 83 -18.65 36.34 11.03
CA PRO A 83 -18.33 36.34 9.59
C PRO A 83 -17.68 37.65 9.15
N PHE A 84 -16.74 37.55 8.20
CA PHE A 84 -16.03 38.71 7.67
C PHE A 84 -16.04 38.58 6.14
N PRO A 85 -16.42 39.65 5.42
CA PRO A 85 -16.78 41.00 5.83
C PRO A 85 -18.00 41.05 6.74
N THR A 86 -18.02 41.95 7.71
CA THR A 86 -19.11 42.00 8.65
C THR A 86 -20.34 42.61 7.96
N THR A 87 -21.47 41.95 8.11
CA THR A 87 -22.74 42.39 7.55
C THR A 87 -23.56 42.99 8.68
N SER A 88 -22.96 42.98 9.88
CA SER A 88 -23.63 43.42 11.08
C SER A 88 -22.64 43.92 12.11
N GLU A 89 -23.06 44.94 12.85
CA GLU A 89 -22.26 45.49 13.94
C GLU A 89 -22.10 44.43 15.01
N THR A 90 -20.89 44.27 15.52
CA THR A 90 -20.64 43.30 16.56
C THR A 90 -21.15 43.82 17.90
N PRO A 91 -21.25 42.94 18.90
CA PRO A 91 -21.55 43.37 20.28
C PRO A 91 -20.52 44.35 20.84
N ARG A 92 -20.88 45.04 21.92
CA ARG A 92 -19.99 46.04 22.51
C ARG A 92 -18.84 45.48 23.32
N VAL A 93 -17.75 46.24 23.33
CA VAL A 93 -16.65 46.02 24.25
C VAL A 93 -16.53 47.24 25.14
N VAL A 94 -16.43 47.01 26.45
CA VAL A 94 -16.37 48.10 27.41
C VAL A 94 -14.96 48.68 27.45
N TYR A 95 -14.87 50.01 27.43
CA TYR A 95 -13.59 50.72 27.57
C TYR A 95 -13.65 51.71 28.74
N ASN A 96 -12.82 51.47 29.75
CA ASN A 96 -12.83 52.29 30.95
C ASN A 96 -11.49 52.42 31.68
N SER A 97 -10.46 52.91 31.00
CA SER A 97 -9.17 53.21 31.63
C SER A 97 -8.37 54.16 30.75
N ARG A 98 -7.68 55.12 31.37
CA ARG A 98 -6.91 56.11 30.62
C ARG A 98 -5.78 55.47 29.82
N THR A 99 -5.29 54.32 30.28
CA THR A 99 -4.24 53.60 29.58
C THR A 99 -4.75 53.06 28.23
N ASP A 100 -3.94 53.22 27.19
CA ASP A 100 -4.32 52.71 25.87
C ASP A 100 -4.40 51.19 25.92
N LYS A 101 -5.54 50.65 25.51
CA LYS A 101 -5.81 49.21 25.52
C LYS A 101 -6.11 48.71 24.10
N PRO A 102 -5.73 47.45 23.79
CA PRO A 102 -5.93 46.93 22.44
C PRO A 102 -7.35 47.00 21.90
N TRP A 103 -7.47 47.21 20.60
CA TRP A 103 -8.73 46.99 19.89
C TRP A 103 -8.71 45.54 19.43
N PRO A 104 -9.39 44.64 20.15
CA PRO A 104 -9.17 43.21 19.91
C PRO A 104 -9.75 42.71 18.60
N VAL A 105 -9.08 43.01 17.50
CA VAL A 105 -9.51 42.57 16.17
C VAL A 105 -8.44 41.72 15.48
N ALA A 106 -8.86 40.58 14.96
CA ALA A 106 -7.97 39.69 14.20
C ALA A 106 -8.71 39.17 12.98
N LEU A 107 -8.12 39.37 11.81
CA LEU A 107 -8.73 38.99 10.55
C LEU A 107 -8.26 37.61 10.09
N TYR A 108 -9.21 36.73 9.82
CA TYR A 108 -8.96 35.36 9.36
C TYR A 108 -9.52 35.11 7.96
N LEU A 109 -8.97 34.07 7.34
CA LEU A 109 -9.28 33.73 5.96
C LEU A 109 -9.79 32.28 5.91
N THR A 110 -10.95 32.07 5.31
CA THR A 110 -11.52 30.73 5.22
C THR A 110 -10.75 29.91 4.18
N PRO A 111 -10.28 28.71 4.56
CA PRO A 111 -9.52 27.92 3.59
C PRO A 111 -10.33 27.50 2.37
N VAL A 112 -9.67 27.54 1.20
CA VAL A 112 -10.32 27.21 -0.06
C VAL A 112 -9.55 26.18 -0.88
N SER A 113 -8.28 26.01 -0.55
CA SER A 113 -7.39 25.08 -1.24
C SER A 113 -6.79 24.09 -0.24
N SER A 114 -5.73 23.42 -0.66
CA SER A 114 -5.00 22.51 0.21
C SER A 114 -3.79 23.25 0.75
N ALA A 115 -2.89 23.64 -0.14
CA ALA A 115 -1.73 24.42 0.25
C ALA A 115 -1.54 25.71 -0.58
N GLY A 116 -2.64 26.24 -1.14
CA GLY A 116 -2.54 27.42 -1.97
C GLY A 116 -2.25 28.70 -1.20
N GLY A 117 -1.96 29.76 -1.94
CA GLY A 117 -1.66 31.05 -1.35
C GLY A 117 -1.95 32.20 -2.30
N VAL A 118 -2.06 33.41 -1.73
CA VAL A 118 -2.27 34.63 -2.51
C VAL A 118 -1.19 35.66 -2.18
N ALA A 119 -0.65 36.27 -3.22
CA ALA A 119 0.46 37.21 -3.08
C ALA A 119 -0.04 38.60 -2.75
N ILE A 120 0.58 39.20 -1.75
CA ILE A 120 0.27 40.56 -1.33
C ILE A 120 1.50 41.46 -1.48
N LYS A 121 1.40 42.45 -2.35
CA LYS A 121 2.50 43.38 -2.56
C LYS A 121 2.51 44.43 -1.44
N ALA A 122 3.71 44.83 -1.01
CA ALA A 122 3.85 45.83 0.05
C ALA A 122 3.25 47.16 -0.39
N GLY A 123 2.53 47.81 0.52
CA GLY A 123 1.88 49.06 0.23
C GLY A 123 0.44 48.84 -0.18
N SER A 124 0.06 47.57 -0.33
CA SER A 124 -1.28 47.23 -0.75
C SER A 124 -2.29 47.48 0.35
N LEU A 125 -3.49 47.89 -0.04
CA LEU A 125 -4.61 47.93 0.89
C LEU A 125 -5.07 46.50 1.07
N ILE A 126 -5.14 46.05 2.33
CA ILE A 126 -5.55 44.67 2.61
C ILE A 126 -6.88 44.64 3.35
N ALA A 127 -7.24 45.73 4.00
CA ALA A 127 -8.52 45.80 4.71
C ALA A 127 -8.92 47.23 5.05
N VAL A 128 -10.21 47.43 5.25
CA VAL A 128 -10.74 48.68 5.77
C VAL A 128 -11.63 48.36 6.97
N LEU A 129 -11.17 48.69 8.18
CA LEU A 129 -11.92 48.40 9.39
C LEU A 129 -12.58 49.65 9.94
N ILE A 130 -13.82 49.50 10.40
CA ILE A 130 -14.58 50.61 10.96
C ILE A 130 -14.91 50.37 12.42
N LEU A 131 -14.36 51.23 13.29
CA LEU A 131 -14.64 51.18 14.72
C LEU A 131 -15.71 52.21 15.07
N ARG A 132 -16.82 51.75 15.65
CA ARG A 132 -17.89 52.66 16.09
C ARG A 132 -17.84 52.82 17.61
N GLN A 133 -17.76 54.07 18.07
CA GLN A 133 -17.68 54.36 19.50
C GLN A 133 -18.88 55.15 20.01
N THR A 134 -19.44 54.70 21.14
CA THR A 134 -20.53 55.41 21.79
C THR A 134 -20.28 55.38 23.31
N ASN A 135 -21.23 55.89 24.09
CA ASN A 135 -21.09 55.91 25.55
C ASN A 135 -22.42 55.82 26.29
N ASN A 136 -22.36 55.92 27.61
CA ASN A 136 -23.55 55.90 28.47
C ASN A 136 -23.85 57.31 29.01
N TYR A 137 -23.07 58.30 28.58
CA TYR A 137 -23.20 59.68 29.05
C TYR A 137 -24.10 60.58 28.18
N ASN A 138 -23.72 60.76 26.92
CA ASN A 138 -24.42 61.63 25.97
C ASN A 138 -24.83 60.87 24.72
N SER A 139 -25.08 61.59 23.64
CA SER A 139 -25.62 61.00 22.40
C SER A 139 -24.53 60.91 21.33
N ASP A 140 -23.29 60.73 21.77
CA ASP A 140 -22.16 60.66 20.85
C ASP A 140 -22.19 59.39 20.02
N ASP A 141 -21.88 59.54 18.73
CA ASP A 141 -21.87 58.42 17.79
C ASP A 141 -20.82 58.66 16.71
N PHE A 142 -19.59 58.27 17.01
CA PHE A 142 -18.41 58.57 16.18
C PHE A 142 -17.89 57.35 15.39
N GLN A 143 -17.25 57.63 14.25
CA GLN A 143 -16.59 56.59 13.44
C GLN A 143 -15.08 56.75 13.39
N PHE A 144 -14.39 55.65 13.66
CA PHE A 144 -12.95 55.56 13.44
C PHE A 144 -12.67 54.55 12.32
N VAL A 145 -12.24 55.05 11.17
CA VAL A 145 -11.98 54.20 10.01
C VAL A 145 -10.49 53.91 9.87
N TRP A 146 -10.14 52.63 9.82
CA TRP A 146 -8.75 52.19 9.76
C TRP A 146 -8.41 51.52 8.44
N ASN A 147 -7.56 52.17 7.65
CA ASN A 147 -7.10 51.61 6.39
C ASN A 147 -5.84 50.78 6.61
N ILE A 148 -5.97 49.46 6.54
CA ILE A 148 -4.85 48.57 6.81
C ILE A 148 -4.03 48.33 5.56
N TYR A 149 -2.75 48.65 5.63
CA TYR A 149 -1.85 48.48 4.50
C TYR A 149 -0.78 47.44 4.83
N ALA A 150 -0.38 46.67 3.82
CA ALA A 150 0.67 45.68 4.02
C ALA A 150 2.04 46.35 4.00
N ASN A 151 2.81 46.14 5.06
CA ASN A 151 4.12 46.74 5.18
C ASN A 151 5.19 45.95 4.42
N ASN A 152 4.91 44.69 4.12
CA ASN A 152 5.88 43.80 3.48
C ASN A 152 5.27 42.88 2.40
N ASP A 153 6.13 42.31 1.56
CA ASP A 153 5.69 41.29 0.61
C ASP A 153 5.47 39.97 1.35
N VAL A 154 4.26 39.42 1.21
CA VAL A 154 3.92 38.12 1.77
C VAL A 154 2.96 37.30 0.92
N VAL A 155 2.90 36.01 1.22
CA VAL A 155 1.88 35.12 0.65
C VAL A 155 0.97 34.66 1.78
N VAL A 156 -0.31 35.00 1.67
CA VAL A 156 -1.32 34.58 2.62
C VAL A 156 -1.84 33.20 2.23
N PRO A 157 -1.58 32.18 3.06
CA PRO A 157 -1.99 30.83 2.68
C PRO A 157 -3.51 30.67 2.66
N THR A 158 -4.05 30.07 1.61
CA THR A 158 -5.49 29.91 1.45
C THR A 158 -5.96 28.48 1.68
N GLY A 159 -5.09 27.64 2.23
CA GLY A 159 -5.36 26.21 2.38
C GLY A 159 -5.14 25.75 3.80
N GLY A 160 -5.23 24.45 4.01
CA GLY A 160 -5.05 23.89 5.33
C GLY A 160 -3.62 23.44 5.57
N CYS A 161 -2.76 23.72 4.60
CA CYS A 161 -1.35 23.34 4.67
C CYS A 161 -0.48 24.49 4.17
N ASP A 162 0.79 24.46 4.56
CA ASP A 162 1.71 25.53 4.19
C ASP A 162 3.08 24.97 3.84
N VAL A 163 3.82 25.67 2.97
CA VAL A 163 5.14 25.22 2.53
C VAL A 163 6.24 26.03 3.20
N SER A 164 7.44 25.45 3.24
CA SER A 164 8.60 26.13 3.81
C SER A 164 9.04 27.33 2.96
N ALA A 165 8.69 27.28 1.68
CA ALA A 165 9.06 28.34 0.74
C ALA A 165 8.18 28.26 -0.50
N ARG A 166 7.66 29.42 -0.90
CA ARG A 166 6.79 29.52 -2.07
C ARG A 166 7.58 29.57 -3.37
N ASP A 167 8.82 30.03 -3.28
CA ASP A 167 9.69 30.14 -4.44
C ASP A 167 11.09 29.69 -4.04
N VAL A 168 11.53 28.57 -4.61
CA VAL A 168 12.82 27.99 -4.27
C VAL A 168 13.79 27.97 -5.44
N THR A 169 15.07 28.13 -5.14
CA THR A 169 16.13 28.01 -6.13
C THR A 169 17.27 27.16 -5.58
N VAL A 170 17.64 26.12 -6.33
CA VAL A 170 18.76 25.26 -5.95
C VAL A 170 19.72 25.17 -7.14
N THR A 171 21.00 25.01 -6.84
CA THR A 171 22.02 24.97 -7.87
C THR A 171 22.67 23.59 -7.95
N LEU A 172 22.64 23.00 -9.14
CA LEU A 172 23.28 21.70 -9.37
C LEU A 172 24.79 21.89 -9.45
N PRO A 173 25.56 20.84 -9.14
CA PRO A 173 26.98 20.91 -9.47
C PRO A 173 27.16 20.98 -10.96
N ASP A 174 28.34 21.38 -11.42
CA ASP A 174 28.60 21.40 -12.85
C ASP A 174 28.30 20.00 -13.38
N TYR A 175 27.67 19.92 -14.54
CA TYR A 175 27.26 18.64 -15.11
C TYR A 175 28.44 17.67 -15.17
N PRO A 176 28.22 16.38 -14.81
CA PRO A 176 26.99 15.77 -14.31
C PRO A 176 26.89 15.82 -12.79
N GLY A 177 25.67 15.72 -12.26
CA GLY A 177 25.47 15.73 -10.83
C GLY A 177 24.03 15.90 -10.42
N SER A 178 23.79 16.05 -9.12
CA SER A 178 22.46 16.23 -8.57
C SER A 178 22.52 17.01 -7.25
N VAL A 179 21.36 17.42 -6.74
CA VAL A 179 21.31 18.17 -5.49
C VAL A 179 19.93 18.08 -4.83
N PRO A 180 19.88 17.96 -3.49
CA PRO A 180 18.58 17.92 -2.82
C PRO A 180 17.81 19.23 -2.91
N ILE A 181 16.49 19.15 -2.92
CA ILE A 181 15.63 20.33 -2.89
C ILE A 181 15.00 20.48 -1.51
N PRO A 182 15.56 21.36 -0.66
CA PRO A 182 14.97 21.54 0.66
C PRO A 182 13.59 22.17 0.58
N LEU A 183 12.54 21.37 0.77
CA LEU A 183 11.16 21.84 0.65
C LEU A 183 10.25 20.94 1.48
N THR A 184 9.57 21.52 2.46
CA THR A 184 8.72 20.75 3.38
C THR A 184 7.33 21.34 3.42
N VAL A 185 6.40 20.60 4.01
CA VAL A 185 5.02 21.03 4.13
C VAL A 185 4.46 20.59 5.48
N TYR A 186 3.60 21.43 6.06
CA TYR A 186 2.90 21.08 7.29
C TYR A 186 1.47 21.57 7.20
N CYS A 187 0.59 20.95 7.99
CA CYS A 187 -0.81 21.27 7.97
C CYS A 187 -1.28 21.72 9.36
N ALA A 188 -2.33 22.53 9.38
CA ALA A 188 -2.87 23.05 10.64
C ALA A 188 -3.37 21.88 11.49
N LYS A 189 -4.00 20.92 10.81
CA LYS A 189 -4.38 19.66 11.43
C LYS A 189 -4.02 18.53 10.47
N SER A 190 -4.20 17.29 10.90
CA SER A 190 -3.79 16.15 10.10
C SER A 190 -4.56 16.07 8.78
N GLN A 191 -3.80 15.96 7.69
CA GLN A 191 -4.36 15.82 6.35
C GLN A 191 -3.64 14.73 5.55
N ASN A 192 -4.42 13.93 4.83
CA ASN A 192 -3.87 13.03 3.83
C ASN A 192 -3.52 13.82 2.58
N LEU A 193 -2.24 14.14 2.47
CA LEU A 193 -1.76 15.10 1.48
C LEU A 193 -0.97 14.44 0.36
N GLY A 194 -0.98 15.09 -0.79
CA GLY A 194 -0.19 14.67 -1.93
C GLY A 194 0.11 15.88 -2.80
N TYR A 195 1.09 15.75 -3.69
CA TYR A 195 1.43 16.83 -4.60
C TYR A 195 1.81 16.28 -5.98
N TYR A 196 1.72 17.13 -6.99
CA TYR A 196 2.15 16.77 -8.34
C TYR A 196 2.92 17.91 -8.98
N LEU A 197 3.81 17.56 -9.90
CA LEU A 197 4.70 18.53 -10.55
C LEU A 197 4.08 19.10 -11.83
N SER A 198 4.54 20.31 -12.19
CA SER A 198 4.07 20.99 -13.39
C SER A 198 5.27 21.60 -14.11
N GLY A 199 5.20 21.61 -15.43
CA GLY A 199 6.26 22.19 -16.25
C GLY A 199 6.28 21.65 -17.66
N THR A 200 7.18 22.21 -18.48
CA THR A 200 7.31 21.77 -19.86
C THR A 200 8.34 20.64 -19.92
N THR A 201 7.99 19.54 -20.57
CA THR A 201 8.85 18.36 -20.63
C THR A 201 9.25 17.98 -22.06
N ALA A 202 10.36 17.25 -22.18
CA ALA A 202 10.94 16.89 -23.48
C ALA A 202 10.72 15.42 -23.86
N ASP A 203 10.42 14.59 -22.88
CA ASP A 203 10.31 13.14 -23.07
C ASP A 203 8.87 12.64 -23.11
N ALA A 204 8.69 11.44 -23.65
CA ALA A 204 7.37 10.82 -23.71
C ALA A 204 6.89 10.46 -22.32
N GLY A 205 7.84 10.25 -21.42
CA GLY A 205 7.55 9.91 -20.04
C GLY A 205 7.04 11.10 -19.24
N ASN A 206 7.23 12.31 -19.79
CA ASN A 206 6.75 13.51 -19.13
C ASN A 206 7.45 13.73 -17.79
N SER A 207 8.77 13.51 -17.76
CA SER A 207 9.53 13.58 -16.52
C SER A 207 10.78 14.44 -16.65
N ILE A 208 11.28 14.62 -17.87
CA ILE A 208 12.47 15.43 -18.11
C ILE A 208 12.09 16.84 -18.54
N PHE A 209 12.32 17.80 -17.66
CA PHE A 209 11.93 19.18 -17.90
C PHE A 209 12.92 19.94 -18.77
N THR A 210 12.38 20.76 -19.67
CA THR A 210 13.15 21.49 -20.68
C THR A 210 14.09 22.54 -20.07
N ASN A 211 15.22 22.76 -20.75
CA ASN A 211 16.15 23.82 -20.38
C ASN A 211 15.73 25.14 -21.02
N THR A 212 15.19 26.03 -20.20
CA THR A 212 14.68 27.31 -20.66
C THR A 212 15.59 28.47 -20.24
N ALA A 213 16.89 28.21 -20.14
CA ALA A 213 17.83 29.26 -19.80
C ALA A 213 17.96 30.25 -20.96
N SER A 214 17.95 31.52 -20.62
CA SER A 214 17.91 32.59 -21.62
C SER A 214 19.27 32.74 -22.31
N PHE A 215 20.35 32.77 -21.53
CA PHE A 215 21.68 33.03 -22.09
C PHE A 215 22.58 31.80 -22.14
N SER A 216 23.07 31.50 -23.34
CA SER A 216 23.99 30.38 -23.58
C SER A 216 23.49 29.05 -23.02
N PRO A 217 22.29 28.62 -23.43
CA PRO A 217 21.72 27.40 -22.88
C PRO A 217 22.51 26.18 -23.33
N ALA A 218 22.87 25.31 -22.38
CA ALA A 218 23.57 24.10 -22.77
C ALA A 218 22.53 23.24 -23.46
N GLN A 219 22.92 22.62 -24.57
CA GLN A 219 21.98 21.79 -25.31
C GLN A 219 22.16 20.33 -24.94
N GLY A 220 21.11 19.55 -25.16
CA GLY A 220 21.14 18.13 -24.89
C GLY A 220 20.81 17.77 -23.45
N VAL A 221 20.58 18.76 -22.60
CA VAL A 221 20.29 18.49 -21.19
C VAL A 221 19.00 19.12 -20.67
N GLY A 222 18.43 18.47 -19.65
CA GLY A 222 17.27 18.97 -18.94
C GLY A 222 17.38 18.59 -17.47
N VAL A 223 16.34 18.86 -16.70
CA VAL A 223 16.30 18.49 -15.29
C VAL A 223 15.23 17.44 -15.02
N GLN A 224 15.55 16.51 -14.14
CA GLN A 224 14.65 15.41 -13.78
C GLN A 224 14.73 15.21 -12.27
N LEU A 225 13.58 15.20 -11.62
CA LEU A 225 13.51 15.10 -10.16
C LEU A 225 13.29 13.66 -9.72
N THR A 226 13.86 13.30 -8.58
CA THR A 226 13.69 11.96 -8.01
C THR A 226 13.35 12.02 -6.54
N ARG A 227 12.74 10.94 -6.06
CA ARG A 227 12.42 10.76 -4.65
C ARG A 227 12.68 9.32 -4.25
N ASN A 228 13.67 9.11 -3.39
CA ASN A 228 14.15 7.78 -3.04
C ASN A 228 14.70 7.06 -4.27
N GLY A 229 15.19 7.82 -5.23
CA GLY A 229 15.79 7.27 -6.43
C GLY A 229 14.80 7.09 -7.55
N THR A 230 13.52 7.21 -7.22
CA THR A 230 12.44 7.05 -8.19
C THR A 230 12.14 8.34 -8.95
N ILE A 231 12.12 8.26 -10.28
CA ILE A 231 11.79 9.43 -11.11
C ILE A 231 10.33 9.82 -10.96
N ILE A 232 10.08 11.12 -10.90
CA ILE A 232 8.73 11.67 -10.75
C ILE A 232 8.24 12.35 -12.01
N PRO A 233 7.28 11.73 -12.72
CA PRO A 233 6.77 12.40 -13.92
C PRO A 233 5.90 13.59 -13.55
N ALA A 234 5.68 14.49 -14.50
CA ALA A 234 4.78 15.62 -14.25
C ALA A 234 3.34 15.14 -14.19
N ASN A 235 2.53 15.89 -13.45
CA ASN A 235 1.11 15.60 -13.30
C ASN A 235 0.82 14.17 -12.81
N ASN A 236 1.66 13.70 -11.90
CA ASN A 236 1.44 12.43 -11.21
C ASN A 236 1.55 12.64 -9.71
N THR A 237 0.45 12.45 -9.00
CA THR A 237 0.37 12.78 -7.57
C THR A 237 1.29 11.90 -6.74
N VAL A 238 2.26 12.54 -6.08
CA VAL A 238 3.13 11.86 -5.14
C VAL A 238 2.49 11.90 -3.76
N SER A 239 2.20 10.72 -3.20
CA SER A 239 1.53 10.64 -1.90
C SER A 239 2.52 10.75 -0.75
N LEU A 240 2.17 11.58 0.23
CA LEU A 240 3.00 11.79 1.42
C LEU A 240 2.45 11.14 2.69
N GLY A 241 1.27 10.56 2.59
CA GLY A 241 0.60 10.01 3.76
C GLY A 241 0.02 11.14 4.58
N ALA A 242 -0.08 10.94 5.90
CA ALA A 242 -0.60 11.96 6.79
C ALA A 242 0.44 13.05 7.09
N VAL A 243 0.05 14.30 6.91
CA VAL A 243 0.91 15.44 7.23
C VAL A 243 0.22 16.25 8.32
N GLY A 244 0.92 16.45 9.43
CA GLY A 244 0.38 17.20 10.55
C GLY A 244 1.08 18.52 10.72
N THR A 245 1.14 19.00 11.96
CA THR A 245 1.76 20.28 12.24
C THR A 245 3.29 20.21 12.08
N SER A 246 3.84 19.01 12.24
CA SER A 246 5.27 18.79 12.02
C SER A 246 5.56 18.78 10.53
N ALA A 247 6.59 19.52 10.13
CA ALA A 247 6.92 19.67 8.71
C ALA A 247 7.35 18.33 8.13
N VAL A 248 6.80 18.00 6.96
CA VAL A 248 7.13 16.77 6.27
C VAL A 248 7.80 17.13 4.95
N SER A 249 8.92 16.47 4.65
CA SER A 249 9.67 16.77 3.44
C SER A 249 9.08 16.13 2.19
N LEU A 250 9.12 16.85 1.08
CA LEU A 250 8.66 16.32 -0.20
C LEU A 250 9.65 15.29 -0.75
N GLY A 251 10.85 15.25 -0.18
CA GLY A 251 11.85 14.25 -0.54
C GLY A 251 12.38 14.36 -1.95
N LEU A 252 12.34 15.58 -2.50
CA LEU A 252 12.78 15.83 -3.87
C LEU A 252 14.28 16.08 -4.03
N THR A 253 14.83 15.50 -5.09
CA THR A 253 16.21 15.71 -5.48
C THR A 253 16.25 16.05 -6.96
N ALA A 254 16.95 17.12 -7.32
CA ALA A 254 17.07 17.51 -8.71
C ALA A 254 18.30 16.86 -9.32
N ASN A 255 18.13 16.36 -10.53
CA ASN A 255 19.22 15.74 -11.28
C ASN A 255 19.25 16.30 -12.69
N TYR A 256 20.40 16.24 -13.34
CA TYR A 256 20.46 16.51 -14.77
C TYR A 256 19.87 15.31 -15.49
N ALA A 257 19.37 15.54 -16.69
CA ALA A 257 18.83 14.47 -17.52
C ALA A 257 19.04 14.83 -18.98
N ARG A 258 19.55 13.89 -19.76
CA ARG A 258 19.76 14.16 -21.18
C ARG A 258 18.45 14.18 -21.96
N THR A 259 18.34 15.14 -22.87
CA THR A 259 17.15 15.28 -23.71
C THR A 259 17.38 14.57 -25.03
N GLY A 260 18.29 15.09 -25.84
CA GLY A 260 18.61 14.47 -27.12
C GLY A 260 19.78 15.12 -27.82
N GLY A 261 20.65 14.29 -28.41
CA GLY A 261 21.81 14.81 -29.13
C GLY A 261 23.00 15.16 -28.26
N GLN A 262 23.94 15.86 -28.87
CA GLN A 262 25.19 16.27 -28.25
C GLN A 262 24.95 17.15 -27.03
N VAL A 263 25.74 16.90 -25.98
CA VAL A 263 25.69 17.74 -24.80
C VAL A 263 26.80 18.78 -24.91
N THR A 264 26.40 20.04 -25.03
CA THR A 264 27.34 21.15 -25.18
C THR A 264 27.39 22.02 -23.93
N ALA A 265 28.47 22.79 -23.79
CA ALA A 265 28.63 23.68 -22.64
C ALA A 265 27.59 24.78 -22.67
N GLY A 266 27.22 25.27 -21.50
CA GLY A 266 26.24 26.34 -21.38
C GLY A 266 25.42 26.27 -20.11
N ASN A 267 24.55 27.26 -19.91
CA ASN A 267 23.68 27.30 -18.74
C ASN A 267 22.51 26.33 -18.81
N VAL A 268 22.03 25.93 -17.63
CA VAL A 268 20.84 25.09 -17.52
C VAL A 268 19.86 25.74 -16.56
N GLN A 269 18.58 25.74 -16.92
CA GLN A 269 17.54 26.26 -16.02
C GLN A 269 16.19 25.63 -16.32
N SER A 270 15.47 25.28 -15.25
CA SER A 270 14.14 24.69 -15.36
C SER A 270 13.27 25.14 -14.20
N ILE A 271 12.12 25.73 -14.53
CA ILE A 271 11.14 26.11 -13.52
C ILE A 271 10.09 25.01 -13.41
N ILE A 272 9.89 24.49 -12.21
CA ILE A 272 8.94 23.40 -11.99
C ILE A 272 7.91 23.82 -10.95
N GLY A 273 6.63 23.66 -11.29
CA GLY A 273 5.56 24.01 -10.38
C GLY A 273 5.13 22.85 -9.52
N VAL A 274 4.88 23.13 -8.24
CA VAL A 274 4.37 22.12 -7.31
C VAL A 274 2.98 22.51 -6.80
N THR A 275 2.04 21.56 -6.93
CA THR A 275 0.67 21.76 -6.48
C THR A 275 0.28 20.64 -5.54
N PHE A 276 -0.29 20.98 -4.40
CA PHE A 276 -0.68 20.00 -3.41
C PHE A 276 -2.16 19.65 -3.56
N VAL A 277 -2.52 18.44 -3.14
CA VAL A 277 -3.89 17.96 -3.26
C VAL A 277 -4.24 17.08 -2.06
N TYR A 278 -5.51 17.09 -1.69
CA TYR A 278 -5.98 16.21 -0.63
C TYR A 278 -6.27 14.83 -1.22
N GLN A 279 -6.00 13.78 -0.45
CA GLN A 279 -6.30 12.42 -0.88
C GLN A 279 -7.16 11.69 0.16
N ALA B 1 0.22 27.26 -9.52
CA ALA B 1 0.98 26.35 -8.67
C ALA B 1 1.10 26.91 -7.26
N ASP B 2 1.22 26.00 -6.29
CA ASP B 2 1.31 26.40 -4.89
C ASP B 2 2.75 26.77 -4.56
N SER B 3 3.71 26.17 -5.27
CA SER B 3 5.12 26.50 -5.11
C SER B 3 5.87 26.29 -6.44
N THR B 4 6.99 27.00 -6.62
CA THR B 4 7.80 26.88 -7.84
C THR B 4 9.28 26.66 -7.55
N ILE B 5 9.82 25.58 -8.10
CA ILE B 5 11.24 25.21 -7.95
C ILE B 5 12.05 25.63 -9.17
N THR B 6 13.11 26.40 -8.95
CA THR B 6 14.02 26.82 -10.01
C THR B 6 15.37 26.12 -9.88
N ILE B 7 15.68 25.20 -10.80
CA ILE B 7 16.94 24.45 -10.73
C ILE B 7 17.92 25.09 -11.70
N ARG B 8 19.09 25.49 -11.20
CA ARG B 8 20.13 26.09 -12.03
C ARG B 8 21.33 25.15 -12.14
N GLY B 9 22.01 25.17 -13.27
CA GLY B 9 23.15 24.31 -13.50
C GLY B 9 24.01 24.76 -14.65
N TYR B 10 25.21 24.20 -14.78
CA TYR B 10 26.11 24.57 -15.86
C TYR B 10 26.80 23.33 -16.45
N VAL B 11 27.18 23.44 -17.72
CA VAL B 11 28.02 22.45 -18.41
C VAL B 11 29.25 23.27 -18.80
N ARG B 12 30.44 22.83 -18.39
CA ARG B 12 31.60 23.73 -18.35
C ARG B 12 32.51 23.85 -19.58
N ASP B 13 33.08 22.75 -20.06
CA ASP B 13 34.04 22.86 -21.15
C ASP B 13 33.39 23.29 -22.46
N PHE C 1 -21.48 -29.84 13.39
CA PHE C 1 -20.68 -28.62 13.65
C PHE C 1 -19.27 -28.97 14.10
N ALA C 2 -18.27 -28.44 13.40
CA ALA C 2 -16.88 -28.66 13.75
C ALA C 2 -16.04 -27.45 13.36
N CYS C 3 -14.80 -27.41 13.85
CA CYS C 3 -13.89 -26.31 13.56
C CYS C 3 -12.49 -26.82 13.24
N LYS C 4 -11.78 -26.04 12.42
CA LYS C 4 -10.38 -26.31 12.09
C LYS C 4 -9.58 -25.01 12.21
N THR C 5 -8.26 -25.14 12.24
CA THR C 5 -7.37 -23.99 12.27
C THR C 5 -6.68 -23.87 10.91
N ALA C 6 -5.93 -22.80 10.71
CA ALA C 6 -5.24 -22.57 9.44
C ALA C 6 -4.16 -23.62 9.20
N ASN C 7 -3.54 -24.07 10.28
CA ASN C 7 -2.46 -25.05 10.18
C ASN C 7 -3.02 -26.47 10.13
N GLY C 8 -4.34 -26.61 10.03
CA GLY C 8 -4.95 -27.88 9.74
C GLY C 8 -5.48 -28.68 10.91
N THR C 9 -5.19 -28.28 12.14
CA THR C 9 -5.66 -29.03 13.30
C THR C 9 -7.14 -28.72 13.58
N ALA C 10 -7.83 -29.70 14.14
CA ALA C 10 -9.28 -29.65 14.24
C ALA C 10 -9.82 -30.08 15.61
N ILE C 11 -11.00 -29.58 15.93
CA ILE C 11 -11.76 -30.05 17.08
C ILE C 11 -13.01 -30.72 16.53
N PRO C 12 -13.25 -31.99 16.87
CA PRO C 12 -14.35 -32.67 16.17
C PRO C 12 -15.74 -32.24 16.64
N ILE C 13 -16.75 -32.92 16.10
CA ILE C 13 -18.14 -32.71 16.51
C ILE C 13 -18.27 -33.05 17.99
N GLY C 14 -18.93 -32.18 18.75
CA GLY C 14 -19.11 -32.39 20.17
C GLY C 14 -18.26 -31.48 21.03
N GLY C 15 -17.22 -30.90 20.43
CA GLY C 15 -16.32 -29.99 21.12
C GLY C 15 -15.02 -30.65 21.54
N GLY C 16 -14.23 -29.92 22.33
CA GLY C 16 -12.93 -30.39 22.78
C GLY C 16 -12.00 -29.21 23.01
N SER C 17 -10.73 -29.39 22.68
CA SER C 17 -9.77 -28.29 22.72
C SER C 17 -8.64 -28.53 21.73
N ALA C 18 -7.94 -27.45 21.37
CA ALA C 18 -6.84 -27.54 20.42
C ALA C 18 -5.91 -26.33 20.55
N ASN C 19 -4.64 -26.54 20.18
CA ASN C 19 -3.64 -25.47 20.23
C ASN C 19 -3.53 -24.77 18.87
N VAL C 20 -3.54 -23.45 18.89
CA VAL C 20 -3.42 -22.67 17.67
C VAL C 20 -2.12 -21.88 17.69
N TYR C 21 -1.23 -22.18 16.76
CA TYR C 21 0.05 -21.48 16.65
C TYR C 21 -0.02 -20.42 15.57
N VAL C 22 0.24 -19.19 16.00
CA VAL C 22 -0.02 -18.01 15.19
C VAL C 22 1.18 -17.08 15.03
N ASN C 23 1.35 -16.57 13.81
CA ASN C 23 2.32 -15.50 13.55
C ASN C 23 1.69 -14.18 13.98
N LEU C 24 2.36 -13.47 14.88
CA LEU C 24 1.82 -12.21 15.39
C LEU C 24 2.45 -11.01 14.70
N ALA C 25 1.60 -10.08 14.30
CA ALA C 25 2.04 -8.80 13.79
C ALA C 25 1.37 -7.68 14.58
N PRO C 26 1.83 -7.44 15.83
CA PRO C 26 1.20 -6.40 16.67
C PRO C 26 1.38 -4.99 16.12
N VAL C 27 0.31 -4.20 16.11
CA VAL C 27 0.37 -2.82 15.63
C VAL C 27 -0.50 -1.95 16.52
N VAL C 28 -0.23 -0.64 16.52
CA VAL C 28 -1.02 0.28 17.32
C VAL C 28 -2.14 0.87 16.46
N ASN C 29 -3.35 0.83 17.00
CA ASN C 29 -4.50 1.51 16.41
C ASN C 29 -5.02 2.59 17.35
N VAL C 30 -6.00 3.35 16.89
CA VAL C 30 -6.54 4.43 17.71
C VAL C 30 -7.28 3.87 18.93
N GLY C 31 -6.77 4.16 20.11
CA GLY C 31 -7.41 3.81 21.37
C GLY C 31 -7.20 2.37 21.81
N GLN C 32 -6.76 1.52 20.90
CA GLN C 32 -6.46 0.12 21.21
C GLN C 32 -5.37 -0.43 20.30
N ASN C 33 -4.59 -1.40 20.80
CA ASN C 33 -3.52 -2.00 20.02
C ASN C 33 -3.88 -3.44 19.63
N LEU C 34 -3.72 -3.75 18.35
CA LEU C 34 -3.97 -5.10 17.83
C LEU C 34 -2.91 -6.09 18.24
N VAL C 35 -3.35 -7.20 18.82
CA VAL C 35 -2.44 -8.27 19.19
C VAL C 35 -2.53 -9.34 18.11
N VAL C 36 -3.73 -9.88 17.91
CA VAL C 36 -3.95 -10.90 16.90
C VAL C 36 -5.39 -10.97 16.36
N ASP C 37 -5.52 -11.03 15.04
CA ASP C 37 -6.83 -11.26 14.41
C ASP C 37 -6.94 -12.74 14.03
N LEU C 38 -7.78 -13.48 14.77
CA LEU C 38 -7.87 -14.93 14.62
C LEU C 38 -8.91 -15.35 13.58
N SER C 39 -9.55 -14.38 12.94
CA SER C 39 -10.59 -14.67 11.97
C SER C 39 -10.02 -15.34 10.72
N THR C 40 -8.71 -15.20 10.50
CA THR C 40 -8.04 -15.90 9.40
C THR C 40 -7.37 -17.16 9.91
N GLN C 41 -7.51 -17.43 11.21
CA GLN C 41 -6.79 -18.50 11.86
C GLN C 41 -7.71 -19.63 12.34
N ILE C 42 -8.95 -19.30 12.70
CA ILE C 42 -9.91 -20.29 13.20
C ILE C 42 -11.18 -20.28 12.35
N PHE C 43 -11.63 -21.47 11.95
CA PHE C 43 -12.78 -21.62 11.07
C PHE C 43 -13.75 -22.67 11.58
N CYS C 44 -15.04 -22.45 11.35
CA CYS C 44 -16.10 -23.39 11.75
C CYS C 44 -17.11 -23.58 10.62
N HIS C 45 -17.90 -24.66 10.69
CA HIS C 45 -18.93 -24.94 9.69
C HIS C 45 -20.11 -25.71 10.27
N ASN C 46 -21.22 -25.71 9.53
CA ASN C 46 -22.43 -26.45 9.88
C ASN C 46 -22.49 -27.77 9.10
N ASP C 47 -22.77 -28.88 9.76
CA ASP C 47 -22.77 -30.19 9.09
C ASP C 47 -24.12 -30.57 8.48
N TYR C 48 -25.18 -29.87 8.84
CA TYR C 48 -26.50 -30.12 8.28
C TYR C 48 -27.24 -28.80 8.18
N PRO C 49 -26.71 -27.88 7.38
CA PRO C 49 -27.15 -26.48 7.28
C PRO C 49 -28.56 -26.32 6.73
N GLU C 50 -29.05 -27.29 5.94
CA GLU C 50 -30.35 -27.14 5.31
C GLU C 50 -31.49 -27.25 6.34
N THR C 51 -31.21 -27.94 7.44
CA THR C 51 -32.23 -28.22 8.45
C THR C 51 -31.91 -27.65 9.83
N ILE C 52 -30.62 -27.45 10.12
CA ILE C 52 -30.19 -27.00 11.44
C ILE C 52 -29.39 -25.69 11.33
N THR C 53 -29.53 -24.84 12.33
CA THR C 53 -28.80 -23.58 12.38
C THR C 53 -27.97 -23.57 13.66
N ASP C 54 -26.66 -23.37 13.52
CA ASP C 54 -25.76 -23.43 14.67
C ASP C 54 -25.54 -22.02 15.22
N TYR C 55 -25.52 -21.92 16.54
CA TYR C 55 -25.27 -20.66 17.24
C TYR C 55 -23.94 -20.66 17.98
N VAL C 56 -23.10 -19.67 17.68
CA VAL C 56 -21.76 -19.59 18.24
C VAL C 56 -21.53 -18.30 19.04
N THR C 57 -21.06 -18.45 20.27
CA THR C 57 -20.77 -17.32 21.16
C THR C 57 -19.36 -17.39 21.72
N LEU C 58 -18.82 -16.24 22.12
CA LEU C 58 -17.57 -16.18 22.86
C LEU C 58 -17.87 -16.24 24.37
N GLN C 59 -17.63 -17.39 24.98
CA GLN C 59 -18.00 -17.65 26.37
C GLN C 59 -17.25 -16.76 27.39
N ARG C 60 -17.76 -16.75 28.61
CA ARG C 60 -17.14 -16.05 29.73
C ARG C 60 -15.81 -16.71 30.07
N GLY C 61 -14.90 -15.92 30.63
CA GLY C 61 -13.60 -16.41 31.03
C GLY C 61 -12.58 -16.50 29.90
N SER C 62 -12.93 -15.97 28.73
CA SER C 62 -11.95 -15.91 27.65
C SER C 62 -11.01 -14.78 28.04
N ALA C 63 -9.73 -15.12 28.17
CA ALA C 63 -8.74 -14.21 28.71
C ALA C 63 -7.40 -14.34 28.00
N TYR C 64 -6.49 -13.41 28.30
CA TYR C 64 -5.11 -13.55 27.84
C TYR C 64 -4.40 -14.48 28.80
N GLY C 65 -3.35 -15.13 28.29
CA GLY C 65 -2.49 -15.96 29.11
C GLY C 65 -1.09 -15.39 29.18
N GLY C 66 -0.16 -16.18 29.73
CA GLY C 66 1.21 -15.75 29.95
C GLY C 66 1.38 -14.32 30.41
N VAL C 67 2.26 -13.58 29.75
CA VAL C 67 2.63 -12.23 30.20
C VAL C 67 1.56 -11.17 29.87
N LEU C 68 0.80 -11.40 28.81
CA LEU C 68 -0.25 -10.45 28.39
C LEU C 68 -1.42 -10.43 29.37
N SER C 69 -1.43 -11.38 30.31
CA SER C 69 -2.54 -11.52 31.25
C SER C 69 -2.67 -10.30 32.15
N ASN C 70 -1.58 -9.55 32.30
CA ASN C 70 -1.55 -8.40 33.19
C ASN C 70 -2.18 -7.18 32.56
N PHE C 71 -2.54 -7.28 31.29
CA PHE C 71 -3.08 -6.14 30.56
C PHE C 71 -4.56 -6.31 30.27
N SER C 72 -5.29 -5.20 30.36
CA SER C 72 -6.69 -5.18 29.97
C SER C 72 -6.83 -4.68 28.54
N GLY C 73 -7.79 -5.26 27.83
CA GLY C 73 -8.01 -4.97 26.44
C GLY C 73 -9.46 -5.13 26.05
N THR C 74 -9.72 -5.19 24.75
CA THR C 74 -11.04 -5.50 24.23
C THR C 74 -10.94 -6.56 23.15
N VAL C 75 -12.08 -7.18 22.85
CA VAL C 75 -12.18 -8.20 21.82
C VAL C 75 -13.33 -7.89 20.86
N LYS C 76 -13.01 -7.83 19.58
N LYS C 76 -13.00 -7.83 19.58
CA LYS C 76 -14.03 -7.64 18.56
CA LYS C 76 -14.00 -7.64 18.54
C LYS C 76 -14.60 -8.98 18.13
C LYS C 76 -14.60 -8.99 18.16
N TYR C 77 -15.90 -9.13 18.35
CA TYR C 77 -16.61 -10.35 17.97
C TYR C 77 -17.75 -10.02 17.01
N SER C 78 -17.52 -10.30 15.73
CA SER C 78 -18.51 -10.07 14.67
C SER C 78 -18.93 -8.60 14.54
N GLY C 79 -18.00 -7.70 14.80
CA GLY C 79 -18.22 -6.28 14.55
C GLY C 79 -18.35 -5.46 15.81
N SER C 80 -18.82 -6.10 16.88
CA SER C 80 -18.98 -5.43 18.16
C SER C 80 -17.78 -5.69 19.06
N SER C 81 -17.41 -4.68 19.84
CA SER C 81 -16.26 -4.76 20.73
C SER C 81 -16.72 -4.91 22.17
N TYR C 82 -16.12 -5.85 22.89
CA TYR C 82 -16.45 -6.08 24.29
C TYR C 82 -15.16 -6.04 25.11
N PRO C 83 -15.28 -5.77 26.42
CA PRO C 83 -14.08 -5.79 27.28
C PRO C 83 -13.45 -7.17 27.32
N PHE C 84 -12.12 -7.22 27.41
CA PHE C 84 -11.39 -8.48 27.44
C PHE C 84 -10.39 -8.48 28.59
N PRO C 85 -10.37 -9.53 29.44
CA PRO C 85 -11.14 -10.79 29.42
C PRO C 85 -12.65 -10.63 29.53
N THR C 86 -13.37 -11.52 28.85
CA THR C 86 -14.82 -11.46 28.80
C THR C 86 -15.44 -11.88 30.12
N THR C 87 -16.35 -11.06 30.63
CA THR C 87 -17.09 -11.34 31.87
C THR C 87 -18.52 -11.77 31.60
N SER C 88 -18.89 -11.84 30.32
CA SER C 88 -20.24 -12.19 29.93
C SER C 88 -20.24 -12.85 28.55
N GLU C 89 -21.12 -13.83 28.35
CA GLU C 89 -21.25 -14.47 27.05
C GLU C 89 -21.76 -13.48 26.01
N THR C 90 -21.13 -13.47 24.84
CA THR C 90 -21.50 -12.56 23.77
C THR C 90 -22.78 -12.99 23.07
N PRO C 91 -23.36 -12.10 22.24
CA PRO C 91 -24.45 -12.53 21.37
C PRO C 91 -24.02 -13.65 20.43
N ARG C 92 -25.00 -14.37 19.89
CA ARG C 92 -24.74 -15.50 19.02
C ARG C 92 -24.37 -15.08 17.60
N VAL C 93 -23.58 -15.92 16.94
CA VAL C 93 -23.30 -15.79 15.51
C VAL C 93 -23.86 -16.99 14.77
N VAL C 94 -24.59 -16.73 13.69
CA VAL C 94 -25.22 -17.79 12.92
C VAL C 94 -24.24 -18.50 11.99
N TYR C 95 -24.28 -19.83 12.00
CA TYR C 95 -23.51 -20.64 11.05
C TYR C 95 -24.45 -21.57 10.29
N ASN C 96 -24.52 -21.40 8.97
CA ASN C 96 -25.41 -22.19 8.14
C ASN C 96 -24.87 -22.41 6.74
N SER C 97 -23.68 -22.98 6.65
CA SER C 97 -23.08 -23.38 5.39
C SER C 97 -21.96 -24.38 5.68
N ARG C 98 -21.86 -25.44 4.88
CA ARG C 98 -20.82 -26.46 5.10
C ARG C 98 -19.43 -25.90 4.85
N THR C 99 -19.33 -24.85 4.04
CA THR C 99 -18.04 -24.23 3.77
C THR C 99 -17.50 -23.64 5.07
N ASP C 100 -16.22 -23.92 5.34
CA ASP C 100 -15.60 -23.40 6.56
C ASP C 100 -15.49 -21.89 6.48
N LYS C 101 -16.10 -21.20 7.44
CA LYS C 101 -16.05 -19.74 7.49
C LYS C 101 -15.45 -19.25 8.81
N PRO C 102 -14.83 -18.05 8.77
CA PRO C 102 -14.11 -17.50 9.92
C PRO C 102 -14.86 -17.45 11.24
N TRP C 103 -14.12 -17.66 12.33
CA TRP C 103 -14.61 -17.34 13.65
C TRP C 103 -14.12 -15.92 13.97
N PRO C 104 -15.02 -14.93 13.85
CA PRO C 104 -14.62 -13.51 13.85
C PRO C 104 -14.13 -12.98 15.20
N VAL C 105 -12.91 -13.33 15.58
CA VAL C 105 -12.32 -12.87 16.84
C VAL C 105 -11.03 -12.08 16.61
N ALA C 106 -10.95 -10.91 17.24
CA ALA C 106 -9.73 -10.09 17.20
C ALA C 106 -9.44 -9.53 18.58
N LEU C 107 -8.27 -9.84 19.11
CA LEU C 107 -7.90 -9.44 20.47
C LEU C 107 -7.03 -8.18 20.46
N TYR C 108 -7.48 -7.19 21.24
CA TYR C 108 -6.80 -5.90 21.36
C TYR C 108 -6.32 -5.64 22.77
N LEU C 109 -5.35 -4.75 22.91
CA LEU C 109 -4.75 -4.42 24.20
C LEU C 109 -4.89 -2.91 24.44
N THR C 110 -5.43 -2.52 25.60
CA THR C 110 -5.62 -1.10 25.91
C THR C 110 -4.28 -0.43 26.17
N PRO C 111 -4.02 0.72 25.50
CA PRO C 111 -2.73 1.38 25.68
C PRO C 111 -2.49 1.83 27.11
N VAL C 112 -1.25 1.69 27.58
CA VAL C 112 -0.88 2.06 28.93
C VAL C 112 0.32 2.99 28.99
N SER C 113 1.10 2.98 27.92
CA SER C 113 2.31 3.79 27.81
C SER C 113 2.29 4.70 26.60
N SER C 114 3.45 5.22 26.25
CA SER C 114 3.60 6.05 25.07
C SER C 114 4.10 5.16 23.95
N ALA C 115 5.33 4.64 24.08
CA ALA C 115 5.86 3.71 23.10
C ALA C 115 6.45 2.44 23.72
N GLY C 116 5.93 2.04 24.88
CA GLY C 116 6.42 0.85 25.56
C GLY C 116 5.95 -0.40 24.85
N GLY C 117 6.45 -1.56 25.26
CA GLY C 117 6.02 -2.81 24.68
C GLY C 117 6.43 -4.01 25.50
N VAL C 118 5.70 -5.11 25.29
CA VAL C 118 5.95 -6.36 25.99
C VAL C 118 6.59 -7.39 25.06
N ALA C 119 7.65 -8.04 25.51
CA ALA C 119 8.35 -9.02 24.68
C ALA C 119 7.70 -10.39 24.87
N ILE C 120 7.31 -11.00 23.76
CA ILE C 120 6.73 -12.34 23.75
C ILE C 120 7.58 -13.34 22.98
N LYS C 121 8.04 -14.37 23.68
CA LYS C 121 8.90 -15.42 23.13
C LYS C 121 8.05 -16.39 22.33
N ALA C 122 8.60 -16.91 21.23
CA ALA C 122 7.89 -17.87 20.41
C ALA C 122 7.58 -19.08 21.27
N GLY C 123 6.36 -19.60 21.12
CA GLY C 123 5.91 -20.74 21.92
C GLY C 123 5.14 -20.33 23.17
N SER C 124 5.06 -19.03 23.43
CA SER C 124 4.34 -18.54 24.60
C SER C 124 2.83 -18.67 24.40
N LEU C 125 2.12 -18.97 25.48
CA LEU C 125 0.67 -18.87 25.49
C LEU C 125 0.28 -17.40 25.57
N ILE C 126 -0.59 -16.95 24.69
CA ILE C 126 -1.02 -15.56 24.69
C ILE C 126 -2.49 -15.43 25.08
N ALA C 127 -3.27 -16.48 24.87
CA ALA C 127 -4.68 -16.47 25.26
C ALA C 127 -5.32 -17.85 25.20
N VAL C 128 -6.42 -17.99 25.95
CA VAL C 128 -7.28 -19.17 25.87
C VAL C 128 -8.72 -18.71 25.64
N LEU C 129 -9.24 -18.96 24.44
CA LEU C 129 -10.59 -18.52 24.08
C LEU C 129 -11.57 -19.67 24.15
N ILE C 130 -12.79 -19.39 24.62
CA ILE C 130 -13.82 -20.41 24.78
C ILE C 130 -15.01 -20.14 23.85
N LEU C 131 -15.20 -21.05 22.91
CA LEU C 131 -16.31 -20.99 21.96
C LEU C 131 -17.45 -21.92 22.40
N ARG C 132 -18.64 -21.37 22.61
CA ARG C 132 -19.81 -22.18 22.98
C ARG C 132 -20.77 -22.33 21.80
N GLN C 133 -21.06 -23.57 21.44
CA GLN C 133 -21.92 -23.86 20.31
C GLN C 133 -23.21 -24.57 20.72
N THR C 134 -24.32 -24.05 20.21
CA THR C 134 -25.63 -24.64 20.41
C THR C 134 -26.39 -24.55 19.10
N ASN C 135 -27.64 -24.97 19.09
CA ASN C 135 -28.45 -24.92 17.88
C ASN C 135 -29.94 -24.80 18.19
N ASN C 136 -30.75 -24.87 17.14
CA ASN C 136 -32.21 -24.83 17.29
C ASN C 136 -32.90 -26.20 17.12
N TYR C 137 -32.14 -27.28 16.93
CA TYR C 137 -32.73 -28.62 16.74
C TYR C 137 -32.90 -29.39 18.06
N ASN C 138 -31.78 -29.64 18.73
CA ASN C 138 -31.76 -30.42 19.96
C ASN C 138 -31.16 -29.60 21.10
N SER C 139 -30.72 -30.28 22.16
CA SER C 139 -30.26 -29.61 23.37
C SER C 139 -28.74 -29.64 23.49
N ASP C 140 -28.06 -29.63 22.35
CA ASP C 140 -26.60 -29.69 22.33
C ASP C 140 -26.00 -28.41 22.87
N ASP C 141 -24.94 -28.56 23.67
CA ASP C 141 -24.27 -27.43 24.30
C ASP C 141 -22.78 -27.72 24.42
N PHE C 142 -22.03 -27.43 23.35
CA PHE C 142 -20.62 -27.84 23.27
C PHE C 142 -19.64 -26.69 23.49
N GLN C 143 -18.47 -27.03 24.01
CA GLN C 143 -17.38 -26.07 24.18
C GLN C 143 -16.20 -26.42 23.29
N PHE C 144 -15.73 -25.42 22.55
CA PHE C 144 -14.48 -25.52 21.81
C PHE C 144 -13.45 -24.57 22.40
N VAL C 145 -12.42 -25.12 23.04
CA VAL C 145 -11.40 -24.31 23.70
C VAL C 145 -10.17 -24.17 22.80
N TRP C 146 -9.77 -22.92 22.56
CA TRP C 146 -8.66 -22.62 21.67
C TRP C 146 -7.49 -22.05 22.44
N ASN C 147 -6.40 -22.80 22.54
CA ASN C 147 -5.18 -22.31 23.17
C ASN C 147 -4.30 -21.61 22.15
N ILE C 148 -4.25 -20.29 22.20
CA ILE C 148 -3.53 -19.50 21.22
C ILE C 148 -2.08 -19.29 21.64
N TYR C 149 -1.17 -19.73 20.78
CA TYR C 149 0.27 -19.63 21.03
C TYR C 149 1.01 -18.72 20.05
N ALA C 150 2.05 -18.06 20.54
CA ALA C 150 2.88 -17.22 19.70
C ALA C 150 3.82 -18.12 18.91
N ASN C 151 3.77 -17.99 17.59
CA ASN C 151 4.59 -18.82 16.72
C ASN C 151 6.00 -18.22 16.56
N ASN C 152 6.13 -16.94 16.88
CA ASN C 152 7.36 -16.18 16.63
C ASN C 152 7.71 -15.23 17.76
N ASP C 153 8.96 -14.78 17.84
CA ASP C 153 9.33 -13.74 18.79
C ASP C 153 8.85 -12.39 18.27
N VAL C 154 8.02 -11.72 19.07
CA VAL C 154 7.52 -10.37 18.77
C VAL C 154 7.40 -9.51 20.02
N VAL C 155 7.33 -8.20 19.80
CA VAL C 155 7.05 -7.25 20.87
C VAL C 155 5.69 -6.61 20.60
N VAL C 156 4.75 -6.80 21.53
CA VAL C 156 3.43 -6.19 21.43
C VAL C 156 3.44 -4.79 22.06
N PRO C 157 3.23 -3.75 21.23
CA PRO C 157 3.30 -2.38 21.78
C PRO C 157 2.15 -2.07 22.74
N THR C 158 2.47 -1.47 23.88
CA THR C 158 1.49 -1.16 24.92
C THR C 158 1.08 0.32 24.95
N GLY C 159 1.44 1.08 23.93
CA GLY C 159 1.19 2.51 23.91
C GLY C 159 0.53 2.99 22.63
N GLY C 160 0.46 4.30 22.47
CA GLY C 160 -0.16 4.89 21.29
C GLY C 160 0.88 5.20 20.23
N CYS C 161 2.13 4.80 20.47
CA CYS C 161 3.21 5.04 19.51
C CYS C 161 4.09 3.80 19.38
N ASP C 162 4.79 3.69 18.25
CA ASP C 162 5.64 2.53 17.99
C ASP C 162 6.92 2.93 17.27
N VAL C 163 7.98 2.15 17.47
CA VAL C 163 9.29 2.43 16.87
C VAL C 163 9.62 1.51 15.69
N SER C 164 10.55 1.96 14.85
CA SER C 164 10.99 1.19 13.67
C SER C 164 11.74 -0.07 14.06
N ALA C 165 12.35 -0.05 15.24
CA ALA C 165 13.10 -1.19 15.74
C ALA C 165 13.31 -1.06 17.24
N ARG C 166 13.09 -2.16 17.95
CA ARG C 166 13.26 -2.18 19.39
C ARG C 166 14.74 -2.31 19.73
N ASP C 167 15.51 -2.86 18.80
CA ASP C 167 16.94 -3.01 18.99
C ASP C 167 17.70 -2.70 17.71
N VAL C 168 18.44 -1.59 17.72
CA VAL C 168 19.23 -1.17 16.57
C VAL C 168 20.71 -1.16 16.94
N THR C 169 21.55 -1.50 15.97
CA THR C 169 23.00 -1.46 16.14
C THR C 169 23.63 -0.78 14.94
N VAL C 170 24.48 0.22 15.20
CA VAL C 170 25.17 0.95 14.14
C VAL C 170 26.67 0.92 14.38
N THR C 171 27.43 0.94 13.28
CA THR C 171 28.89 0.84 13.34
C THR C 171 29.53 2.13 12.85
N LEU C 172 30.34 2.75 13.71
CA LEU C 172 31.07 3.97 13.37
C LEU C 172 32.25 3.69 12.44
N PRO C 173 32.64 4.68 11.61
CA PRO C 173 33.94 4.57 10.96
C PRO C 173 35.04 4.69 12.01
N ASP C 174 36.27 4.28 11.70
CA ASP C 174 37.37 4.43 12.64
C ASP C 174 37.53 5.87 13.12
N TYR C 175 37.82 6.01 14.42
CA TYR C 175 37.95 7.31 15.08
C TYR C 175 38.89 8.26 14.35
N PRO C 176 38.50 9.54 14.22
CA PRO C 176 37.22 10.12 14.63
C PRO C 176 36.19 10.04 13.50
N GLY C 177 34.91 10.09 13.83
CA GLY C 177 33.87 10.01 12.81
C GLY C 177 32.48 9.87 13.38
N SER C 178 31.51 9.67 12.50
CA SER C 178 30.11 9.59 12.91
C SER C 178 29.29 8.74 11.96
N VAL C 179 28.05 8.45 12.36
CA VAL C 179 27.13 7.70 11.52
C VAL C 179 25.70 7.98 11.98
N PRO C 180 24.78 8.18 11.02
CA PRO C 180 23.40 8.39 11.45
C PRO C 180 22.80 7.13 12.05
N ILE C 181 21.90 7.31 13.01
CA ILE C 181 21.19 6.19 13.61
C ILE C 181 19.77 6.14 13.06
N PRO C 182 19.54 5.27 12.07
CA PRO C 182 18.18 5.20 11.50
C PRO C 182 17.20 4.66 12.53
N LEU C 183 16.38 5.57 13.06
CA LEU C 183 15.44 5.23 14.11
C LEU C 183 14.29 6.23 14.07
N THR C 184 13.10 5.71 13.81
CA THR C 184 11.91 6.55 13.65
C THR C 184 10.77 6.11 14.56
N VAL C 185 9.76 6.97 14.70
CA VAL C 185 8.62 6.71 15.57
C VAL C 185 7.34 7.27 14.96
N TYR C 186 6.23 6.55 15.13
CA TYR C 186 4.94 7.04 14.68
C TYR C 186 3.85 6.69 15.68
N CYS C 187 2.75 7.45 15.65
CA CYS C 187 1.64 7.27 16.59
C CYS C 187 0.32 6.98 15.86
N ALA C 188 -0.58 6.27 16.53
CA ALA C 188 -1.88 5.91 15.95
C ALA C 188 -2.70 7.15 15.66
N LYS C 189 -2.64 8.12 16.58
CA LYS C 189 -3.22 9.44 16.37
C LYS C 189 -2.17 10.46 16.78
N SER C 190 -2.42 11.74 16.52
CA SER C 190 -1.43 12.77 16.78
C SER C 190 -1.08 12.89 18.26
N GLN C 191 0.22 12.86 18.55
CA GLN C 191 0.73 13.00 19.92
C GLN C 191 1.91 13.96 20.00
N ASN C 192 1.90 14.81 21.02
CA ASN C 192 3.07 15.62 21.34
C ASN C 192 4.09 14.73 22.01
N LEU C 193 5.07 14.30 21.23
CA LEU C 193 5.97 13.23 21.65
C LEU C 193 7.34 13.77 21.97
N GLY C 194 8.04 13.08 22.86
CA GLY C 194 9.43 13.38 23.17
C GLY C 194 10.10 12.11 23.63
N TYR C 195 11.42 12.12 23.66
CA TYR C 195 12.18 10.96 24.12
C TYR C 195 13.40 11.41 24.91
N TYR C 196 13.91 10.54 25.77
CA TYR C 196 15.12 10.84 26.52
C TYR C 196 16.05 9.63 26.57
N LEU C 197 17.34 9.90 26.72
CA LEU C 197 18.36 8.86 26.72
C LEU C 197 18.66 8.31 28.10
N SER C 198 19.13 7.06 28.13
CA SER C 198 19.50 6.36 29.37
C SER C 198 20.81 5.61 29.17
N GLY C 199 21.64 5.56 30.21
CA GLY C 199 22.90 4.87 30.14
C GLY C 199 23.92 5.37 31.14
N THR C 200 25.08 4.73 31.16
CA THR C 200 26.17 5.12 32.05
C THR C 200 27.02 6.17 31.36
N THR C 201 27.30 7.28 32.05
CA THR C 201 28.03 8.40 31.47
C THR C 201 29.33 8.64 32.21
N ALA C 202 30.28 9.25 31.52
CA ALA C 202 31.62 9.44 32.05
C ALA C 202 31.93 10.89 32.41
N ASP C 203 31.17 11.82 31.85
CA ASP C 203 31.45 13.25 32.01
C ASP C 203 30.51 13.94 33.00
N ALA C 204 30.97 15.08 33.51
CA ALA C 204 30.17 15.90 34.40
C ALA C 204 28.98 16.50 33.66
N GLY C 205 29.11 16.67 32.34
CA GLY C 205 28.03 17.19 31.53
C GLY C 205 26.92 16.16 31.34
N ASN C 206 27.23 14.90 31.65
CA ASN C 206 26.26 13.81 31.55
C ASN C 206 25.78 13.58 30.12
N SER C 207 26.73 13.60 29.18
CA SER C 207 26.41 13.51 27.76
C SER C 207 27.24 12.44 27.03
N ILE C 208 28.39 12.10 27.60
CA ILE C 208 29.27 11.10 27.01
C ILE C 208 29.04 9.74 27.66
N PHE C 209 28.49 8.80 26.90
CA PHE C 209 28.19 7.49 27.49
C PHE C 209 29.49 6.68 27.51
N THR C 210 29.74 6.05 28.65
CA THR C 210 30.99 5.37 28.91
C THR C 210 31.19 4.17 27.97
N ASN C 211 32.44 3.85 27.68
CA ASN C 211 32.77 2.71 26.83
C ASN C 211 32.79 1.38 27.57
N THR C 212 31.79 0.56 27.27
CA THR C 212 31.62 -0.73 27.94
C THR C 212 32.01 -1.91 27.05
N ALA C 213 32.97 -1.69 26.16
CA ALA C 213 33.50 -2.79 25.36
C ALA C 213 34.31 -3.69 26.29
N SER C 214 34.10 -5.00 26.21
CA SER C 214 34.73 -5.94 27.12
C SER C 214 36.20 -6.20 26.73
N PHE C 215 36.45 -6.41 25.45
CA PHE C 215 37.78 -6.81 24.96
C PHE C 215 38.50 -5.68 24.22
N SER C 216 39.73 -5.35 24.66
CA SER C 216 40.53 -4.30 24.02
C SER C 216 39.74 -3.00 23.89
N PRO C 217 39.23 -2.49 25.02
CA PRO C 217 38.29 -1.36 25.08
C PRO C 217 38.83 0.02 24.75
N ALA C 218 40.15 0.17 24.66
CA ALA C 218 40.76 1.48 24.48
C ALA C 218 40.37 2.31 25.71
N GLN C 219 40.74 3.59 25.73
CA GLN C 219 40.37 4.44 26.84
C GLN C 219 40.50 5.91 26.46
N GLY C 220 39.81 6.77 27.20
CA GLY C 220 39.85 8.19 26.93
C GLY C 220 38.77 8.60 25.94
N VAL C 221 37.98 7.62 25.50
CA VAL C 221 36.90 7.85 24.54
C VAL C 221 35.57 7.33 25.07
N GLY C 222 34.50 7.95 24.61
CA GLY C 222 33.15 7.50 24.89
C GLY C 222 32.28 7.74 23.68
N VAL C 223 30.98 7.49 23.82
CA VAL C 223 30.05 7.70 22.72
C VAL C 223 29.09 8.83 23.09
N GLN C 224 28.79 9.67 22.09
CA GLN C 224 27.94 10.83 22.29
C GLN C 224 26.99 11.03 21.12
N LEU C 225 25.71 11.18 21.44
CA LEU C 225 24.66 11.34 20.43
C LEU C 225 24.32 12.81 20.18
N THR C 226 24.03 13.15 18.93
CA THR C 226 23.68 14.52 18.54
C THR C 226 22.49 14.57 17.57
N ARG C 227 21.82 15.71 17.52
CA ARG C 227 20.77 15.94 16.51
C ARG C 227 20.87 17.39 16.07
N ASN C 228 21.16 17.60 14.78
CA ASN C 228 21.41 18.93 14.24
C ASN C 228 22.68 19.54 14.85
N GLY C 229 23.57 18.68 15.31
CA GLY C 229 24.84 19.14 15.85
C GLY C 229 24.79 19.37 17.34
N THR C 230 23.58 19.37 17.90
CA THR C 230 23.39 19.60 19.33
C THR C 230 23.55 18.33 20.16
N ILE C 231 24.39 18.40 21.19
CA ILE C 231 24.59 17.27 22.09
C ILE C 231 23.34 17.00 22.91
N ILE C 232 23.02 15.72 23.04
CA ILE C 232 21.85 15.26 23.78
C ILE C 232 22.30 14.49 25.04
N PRO C 233 22.17 15.12 26.23
CA PRO C 233 22.56 14.43 27.47
C PRO C 233 21.56 13.35 27.89
N ALA C 234 21.96 12.50 28.82
CA ALA C 234 21.07 11.48 29.37
C ALA C 234 19.98 12.15 30.21
N ASN C 235 18.81 11.52 30.27
CA ASN C 235 17.69 12.02 31.06
C ASN C 235 17.32 13.47 30.72
N ASN C 236 17.37 13.80 29.44
CA ASN C 236 16.91 15.09 28.95
C ASN C 236 15.98 14.92 27.76
N THR C 237 14.72 15.30 27.96
CA THR C 237 13.68 15.04 26.97
C THR C 237 13.93 15.82 25.67
N VAL C 238 14.13 15.09 24.58
CA VAL C 238 14.22 15.70 23.26
C VAL C 238 12.82 15.75 22.69
N SER C 239 12.33 16.96 22.43
CA SER C 239 10.98 17.13 21.92
C SER C 239 10.95 17.00 20.41
N LEU C 240 9.99 16.22 19.91
CA LEU C 240 9.85 16.01 18.48
C LEU C 240 8.63 16.75 17.93
N GLY C 241 7.86 17.36 18.82
CA GLY C 241 6.62 18.01 18.43
C GLY C 241 5.52 17.01 18.16
N ALA C 242 4.63 17.34 17.23
CA ALA C 242 3.51 16.46 16.89
C ALA C 242 3.96 15.31 16.01
N VAL C 243 3.65 14.10 16.43
CA VAL C 243 3.95 12.89 15.67
C VAL C 243 2.65 12.16 15.36
N GLY C 244 2.40 11.89 14.07
CA GLY C 244 1.20 11.22 13.63
C GLY C 244 1.49 9.83 13.11
N THR C 245 0.68 9.37 12.16
CA THR C 245 0.84 8.03 11.59
C THR C 245 2.08 7.97 10.70
N SER C 246 2.49 9.11 10.16
CA SER C 246 3.69 9.19 9.34
C SER C 246 4.92 9.10 10.21
N ALA C 247 5.84 8.22 9.81
CA ALA C 247 7.04 7.99 10.62
C ALA C 247 7.90 9.24 10.67
N VAL C 248 8.33 9.57 11.89
CA VAL C 248 9.19 10.72 12.14
C VAL C 248 10.52 10.27 12.74
N SER C 249 11.61 10.78 12.19
CA SER C 249 12.94 10.42 12.65
C SER C 249 13.32 11.17 13.91
N LEU C 250 14.00 10.47 14.82
CA LEU C 250 14.50 11.06 16.04
C LEU C 250 15.71 11.93 15.75
N GLY C 251 16.25 11.79 14.53
CA GLY C 251 17.37 12.61 14.09
C GLY C 251 18.64 12.34 14.85
N LEU C 252 18.80 11.12 15.36
CA LEU C 252 19.96 10.77 16.17
C LEU C 252 21.18 10.40 15.32
N THR C 253 22.34 10.91 15.72
CA THR C 253 23.60 10.60 15.08
C THR C 253 24.67 10.27 16.13
N ALA C 254 25.40 9.17 15.93
CA ALA C 254 26.44 8.75 16.87
C ALA C 254 27.79 9.39 16.58
N ASN C 255 28.47 9.86 17.64
CA ASN C 255 29.82 10.44 17.52
C ASN C 255 30.78 9.93 18.59
N TYR C 256 32.08 9.99 18.30
CA TYR C 256 33.10 9.78 19.32
C TYR C 256 33.19 11.02 20.20
N ALA C 257 33.67 10.85 21.43
CA ALA C 257 33.86 11.98 22.33
C ALA C 257 35.00 11.70 23.31
N ARG C 258 35.88 12.68 23.47
CA ARG C 258 36.96 12.56 24.42
C ARG C 258 36.42 12.73 25.83
N THR C 259 36.87 11.87 26.71
CA THR C 259 36.49 11.91 28.11
C THR C 259 37.58 12.69 28.82
N GLY C 260 38.81 12.50 28.36
CA GLY C 260 39.96 13.18 28.90
C GLY C 260 40.99 12.13 29.21
N GLY C 261 42.26 12.48 29.07
CA GLY C 261 43.35 11.56 29.32
C GLY C 261 43.89 11.04 28.01
N GLN C 262 44.82 10.09 28.08
CA GLN C 262 45.40 9.47 26.89
C GLN C 262 44.37 8.68 26.09
N VAL C 263 44.41 8.83 24.76
CA VAL C 263 43.61 8.03 23.84
C VAL C 263 44.42 6.87 23.26
N THR C 264 44.01 5.64 23.58
CA THR C 264 44.69 4.43 23.13
C THR C 264 43.82 3.70 22.12
N ALA C 265 44.42 2.88 21.28
CA ALA C 265 43.67 2.10 20.31
C ALA C 265 42.85 1.02 20.99
N GLY C 266 41.73 0.64 20.36
CA GLY C 266 40.88 -0.42 20.86
C GLY C 266 39.42 -0.27 20.45
N ASN C 267 38.61 -1.25 20.79
CA ASN C 267 37.20 -1.27 20.42
C ASN C 267 36.39 -0.31 21.29
N VAL C 268 35.27 0.17 20.76
CA VAL C 268 34.37 1.02 21.53
C VAL C 268 32.95 0.46 21.47
N GLN C 269 32.26 0.50 22.61
CA GLN C 269 30.87 0.04 22.69
C GLN C 269 30.10 0.74 23.80
N SER C 270 28.86 1.13 23.49
CA SER C 270 28.00 1.78 24.46
C SER C 270 26.52 1.44 24.23
N ILE C 271 25.85 0.92 25.26
CA ILE C 271 24.42 0.67 25.20
C ILE C 271 23.63 1.86 25.74
N ILE C 272 22.74 2.38 24.89
CA ILE C 272 21.92 3.55 25.21
C ILE C 272 20.44 3.26 25.06
N GLY C 273 19.68 3.58 26.10
CA GLY C 273 18.24 3.40 26.09
C GLY C 273 17.52 4.63 25.61
N VAL C 274 16.48 4.42 24.80
CA VAL C 274 15.61 5.51 24.36
C VAL C 274 14.23 5.25 24.94
N THR C 275 13.71 6.25 25.64
CA THR C 275 12.40 6.15 26.27
C THR C 275 11.53 7.30 25.83
N PHE C 276 10.30 7.00 25.41
CA PHE C 276 9.39 8.03 24.93
C PHE C 276 8.41 8.52 25.99
N VAL C 277 7.95 9.76 25.84
CA VAL C 277 7.03 10.38 26.77
C VAL C 277 6.05 11.31 26.06
N TYR C 278 4.84 11.43 26.60
CA TYR C 278 3.86 12.39 26.09
C TYR C 278 4.13 13.77 26.69
N GLN C 279 3.92 14.82 25.90
CA GLN C 279 4.04 16.19 26.39
C GLN C 279 2.77 16.99 26.07
N ALA D 1 13.75 0.79 29.19
CA ALA D 1 13.72 1.66 28.01
C ALA D 1 12.83 1.07 26.93
N ASP D 2 12.28 1.94 26.10
CA ASP D 2 11.36 1.51 25.03
C ASP D 2 12.15 1.01 23.82
N SER D 3 13.38 1.48 23.68
CA SER D 3 14.25 1.02 22.60
C SER D 3 15.73 1.03 23.05
N THR D 4 16.56 0.22 22.42
CA THR D 4 17.99 0.13 22.77
C THR D 4 18.92 0.30 21.57
N ILE D 5 19.77 1.31 21.62
CA ILE D 5 20.75 1.58 20.56
C ILE D 5 22.14 1.11 20.99
N THR D 6 22.76 0.26 20.17
CA THR D 6 24.11 -0.23 20.42
C THR D 6 25.11 0.33 19.42
N ILE D 7 26.01 1.19 19.91
CA ILE D 7 26.99 1.85 19.08
C ILE D 7 28.35 1.14 19.14
N ARG D 8 28.87 0.73 17.98
CA ARG D 8 30.18 0.10 17.88
C ARG D 8 31.16 0.96 17.11
N GLY D 9 32.43 0.90 17.53
CA GLY D 9 33.48 1.63 16.85
C GLY D 9 34.84 1.10 17.25
N TYR D 10 35.86 1.49 16.50
CA TYR D 10 37.25 1.11 16.78
C TYR D 10 38.17 2.29 16.57
N VAL D 11 39.28 2.25 17.28
CA VAL D 11 40.30 3.29 17.21
C VAL D 11 41.60 2.71 16.70
N ARG D 12 42.17 3.35 15.68
CA ARG D 12 43.37 2.83 15.05
C ARG D 12 44.57 3.38 15.80
N ASP D 13 45.74 2.76 15.59
CA ASP D 13 46.94 3.16 16.30
C ASP D 13 47.68 4.26 15.54
N PHE E 1 19.27 -8.93 2.03
CA PHE E 1 17.81 -8.71 2.25
C PHE E 1 16.98 -9.67 1.41
N ALA E 2 16.08 -10.40 2.07
CA ALA E 2 15.21 -11.35 1.41
C ALA E 2 13.89 -11.47 2.17
N CYS E 3 12.92 -12.15 1.58
CA CYS E 3 11.59 -12.25 2.16
C CYS E 3 11.10 -13.70 2.11
N LYS E 4 10.24 -14.07 3.06
CA LYS E 4 9.57 -15.35 3.01
C LYS E 4 8.09 -15.11 3.28
N THR E 5 7.25 -16.09 2.97
CA THR E 5 5.84 -16.03 3.29
C THR E 5 5.51 -17.01 4.41
N ALA E 6 4.28 -16.93 4.93
CA ALA E 6 3.85 -17.80 6.02
C ALA E 6 3.75 -19.24 5.53
N ASN E 7 3.37 -19.39 4.27
CA ASN E 7 3.18 -20.69 3.65
C ASN E 7 4.49 -21.31 3.11
N GLY E 8 5.60 -20.69 3.48
CA GLY E 8 6.93 -21.25 3.32
C GLY E 8 7.72 -20.77 2.12
N THR E 9 7.03 -20.22 1.13
CA THR E 9 7.70 -19.77 -0.08
C THR E 9 8.40 -18.44 0.09
N ALA E 10 9.52 -18.29 -0.61
CA ALA E 10 10.45 -17.17 -0.39
C ALA E 10 11.00 -16.59 -1.70
N ILE E 11 11.39 -15.31 -1.62
CA ILE E 11 12.12 -14.63 -2.69
C ILE E 11 13.52 -14.26 -2.20
N PRO E 12 14.57 -14.71 -2.90
CA PRO E 12 15.93 -14.53 -2.36
C PRO E 12 16.47 -13.11 -2.51
N ILE E 13 17.73 -12.93 -2.15
CA ILE E 13 18.43 -11.67 -2.30
C ILE E 13 18.47 -11.29 -3.78
N GLY E 14 18.15 -10.03 -4.09
CA GLY E 14 18.14 -9.57 -5.47
C GLY E 14 16.74 -9.39 -6.01
N GLY E 15 15.76 -9.99 -5.34
CA GLY E 15 14.38 -9.88 -5.74
C GLY E 15 13.88 -11.10 -6.48
N GLY E 16 12.69 -10.97 -7.06
CA GLY E 16 12.06 -12.05 -7.79
C GLY E 16 10.55 -11.90 -7.78
N SER E 17 9.84 -13.02 -7.73
CA SER E 17 8.39 -13.00 -7.60
C SER E 17 7.91 -14.27 -6.91
N ALA E 18 6.69 -14.23 -6.40
CA ALA E 18 6.14 -15.37 -5.70
C ALA E 18 4.61 -15.30 -5.64
N ASN E 19 3.97 -16.47 -5.62
CA ASN E 19 2.53 -16.54 -5.48
C ASN E 19 2.23 -16.76 -4.00
N VAL E 20 1.34 -15.95 -3.45
CA VAL E 20 0.99 -16.06 -2.04
C VAL E 20 -0.49 -16.41 -1.92
N TYR E 21 -0.76 -17.59 -1.37
CA TYR E 21 -2.13 -18.03 -1.14
C TYR E 21 -2.53 -17.78 0.30
N VAL E 22 -3.59 -17.00 0.46
CA VAL E 22 -3.98 -16.45 1.74
C VAL E 22 -5.43 -16.78 2.08
N ASN E 23 -5.70 -17.05 3.36
CA ASN E 23 -7.07 -17.18 3.83
C ASN E 23 -7.68 -15.80 3.99
N LEU E 24 -8.79 -15.57 3.31
CA LEU E 24 -9.43 -14.27 3.34
C LEU E 24 -10.59 -14.29 4.30
N ALA E 25 -10.71 -13.24 5.10
CA ALA E 25 -11.86 -13.05 5.96
C ALA E 25 -12.29 -11.58 5.88
N PRO E 26 -12.97 -11.22 4.77
CA PRO E 26 -13.41 -9.84 4.57
C PRO E 26 -14.48 -9.40 5.57
N VAL E 27 -14.32 -8.18 6.07
CA VAL E 27 -15.24 -7.60 7.03
C VAL E 27 -15.45 -6.13 6.72
N VAL E 28 -16.54 -5.55 7.22
CA VAL E 28 -16.80 -4.13 7.01
C VAL E 28 -16.23 -3.30 8.14
N ASN E 29 -15.51 -2.25 7.76
CA ASN E 29 -15.06 -1.22 8.68
C ASN E 29 -15.72 0.10 8.30
N VAL E 30 -15.52 1.13 9.13
CA VAL E 30 -16.12 2.42 8.87
C VAL E 30 -15.53 3.10 7.64
N GLY E 31 -16.35 3.28 6.61
CA GLY E 31 -15.96 3.99 5.41
C GLY E 31 -15.13 3.18 4.42
N GLN E 32 -14.60 2.06 4.88
CA GLN E 32 -13.81 1.17 4.02
C GLN E 32 -13.92 -0.27 4.50
N ASN E 33 -13.80 -1.23 3.58
CA ASN E 33 -13.87 -2.64 3.92
C ASN E 33 -12.52 -3.36 3.78
N LEU E 34 -12.16 -4.14 4.80
CA LEU E 34 -10.94 -4.94 4.78
C LEU E 34 -11.07 -6.14 3.86
N VAL E 35 -10.11 -6.29 2.96
CA VAL E 35 -10.06 -7.42 2.05
C VAL E 35 -9.07 -8.43 2.63
N VAL E 36 -7.81 -8.02 2.77
CA VAL E 36 -6.79 -8.88 3.35
C VAL E 36 -5.65 -8.11 4.03
N ASP E 37 -5.28 -8.52 5.25
CA ASP E 37 -4.12 -7.96 5.93
C ASP E 37 -2.94 -8.93 5.79
N LEU E 38 -1.96 -8.52 5.00
CA LEU E 38 -0.83 -9.35 4.61
C LEU E 38 0.36 -9.30 5.57
N SER E 39 0.24 -8.52 6.65
CA SER E 39 1.35 -8.35 7.59
C SER E 39 1.67 -9.62 8.37
N THR E 40 0.73 -10.56 8.43
CA THR E 40 0.97 -11.87 9.04
C THR E 40 1.30 -12.92 7.98
N GLN E 41 1.35 -12.50 6.72
CA GLN E 41 1.50 -13.43 5.60
C GLN E 41 2.84 -13.28 4.89
N ILE E 42 3.37 -12.06 4.91
CA ILE E 42 4.64 -11.74 4.23
C ILE E 42 5.63 -11.16 5.23
N PHE E 43 6.85 -11.68 5.20
CA PHE E 43 7.91 -11.28 6.13
C PHE E 43 9.21 -10.99 5.39
N CYS E 44 9.99 -10.05 5.92
CA CYS E 44 11.25 -9.66 5.33
C CYS E 44 12.30 -9.57 6.43
N HIS E 45 13.57 -9.58 6.05
CA HIS E 45 14.63 -9.40 7.05
C HIS E 45 15.85 -8.74 6.42
N ASN E 46 16.70 -8.19 7.30
CA ASN E 46 17.96 -7.59 6.89
C ASN E 46 19.08 -8.57 7.13
N ASP E 47 19.93 -8.74 6.13
CA ASP E 47 20.98 -9.75 6.18
C ASP E 47 22.25 -9.20 6.81
N TYR E 48 22.36 -7.88 6.96
CA TYR E 48 23.55 -7.33 7.59
C TYR E 48 23.21 -6.03 8.35
N PRO E 49 22.35 -6.13 9.39
CA PRO E 49 21.78 -4.97 10.10
C PRO E 49 22.83 -4.14 10.85
N GLU E 50 23.94 -4.74 11.24
CA GLU E 50 24.93 -4.05 12.05
C GLU E 50 25.63 -2.95 11.24
N THR E 51 25.65 -3.12 9.93
CA THR E 51 26.37 -2.22 9.03
C THR E 51 25.48 -1.55 7.99
N ILE E 52 24.36 -2.21 7.66
CA ILE E 52 23.49 -1.77 6.57
C ILE E 52 22.07 -1.54 7.06
N THR E 53 21.41 -0.54 6.48
CA THR E 53 20.03 -0.22 6.80
C THR E 53 19.21 -0.30 5.53
N ASP E 54 18.16 -1.13 5.56
CA ASP E 54 17.31 -1.34 4.39
C ASP E 54 16.06 -0.48 4.37
N TYR E 55 15.74 0.00 3.18
CA TYR E 55 14.55 0.81 2.95
C TYR E 55 13.55 0.05 2.10
N VAL E 56 12.34 -0.13 2.60
CA VAL E 56 11.30 -0.88 1.90
C VAL E 56 10.07 -0.02 1.64
N THR E 57 9.64 0.03 0.38
CA THR E 57 8.48 0.82 -0.03
C THR E 57 7.48 -0.02 -0.81
N LEU E 58 6.23 0.43 -0.84
CA LEU E 58 5.23 -0.14 -1.74
C LEU E 58 5.25 0.63 -3.05
N GLN E 59 5.80 0.00 -4.09
CA GLN E 59 6.01 0.64 -5.38
C GLN E 59 4.66 1.03 -5.99
N ARG E 60 4.67 1.79 -7.08
CA ARG E 60 3.41 2.15 -7.70
C ARG E 60 3.06 1.06 -8.69
N GLY E 61 1.76 0.91 -8.92
CA GLY E 61 1.25 -0.10 -9.81
C GLY E 61 0.75 -1.27 -8.99
N SER E 62 0.87 -1.17 -7.67
CA SER E 62 0.35 -2.20 -6.79
C SER E 62 -1.16 -2.08 -6.85
N ALA E 63 -1.80 -3.16 -7.26
CA ALA E 63 -3.23 -3.13 -7.58
C ALA E 63 -3.97 -4.43 -7.29
N TYR E 64 -5.29 -4.37 -7.39
CA TYR E 64 -6.10 -5.58 -7.30
C TYR E 64 -6.08 -6.28 -8.64
N GLY E 65 -6.30 -7.60 -8.61
CA GLY E 65 -6.45 -8.35 -9.84
C GLY E 65 -7.81 -9.03 -9.84
N GLY E 66 -8.10 -9.77 -10.91
CA GLY E 66 -9.38 -10.43 -11.05
C GLY E 66 -10.57 -9.50 -10.98
N VAL E 67 -11.60 -9.89 -10.25
CA VAL E 67 -12.86 -9.18 -10.22
C VAL E 67 -12.73 -7.90 -9.40
N LEU E 68 -11.82 -7.91 -8.45
CA LEU E 68 -11.61 -6.77 -7.55
C LEU E 68 -10.94 -5.58 -8.26
N SER E 69 -10.42 -5.81 -9.47
CA SER E 69 -9.70 -4.78 -10.21
C SER E 69 -10.60 -3.61 -10.57
N ASN E 70 -11.92 -3.88 -10.59
CA ASN E 70 -12.90 -2.87 -10.98
C ASN E 70 -13.25 -1.97 -9.81
N PHE E 71 -12.78 -2.33 -8.62
CA PHE E 71 -13.10 -1.59 -7.41
C PHE E 71 -11.90 -0.76 -7.00
N SER E 72 -12.19 0.45 -6.55
CA SER E 72 -11.17 1.33 -5.98
C SER E 72 -11.18 1.24 -4.47
N GLY E 73 -9.99 1.37 -3.88
CA GLY E 73 -9.81 1.21 -2.46
C GLY E 73 -8.70 2.08 -1.90
N THR E 74 -8.25 1.74 -0.69
CA THR E 74 -7.10 2.37 -0.07
C THR E 74 -6.20 1.26 0.47
N VAL E 75 -4.95 1.61 0.78
CA VAL E 75 -4.02 0.65 1.35
C VAL E 75 -3.28 1.22 2.58
N LYS E 76 -3.33 0.48 3.69
N LYS E 76 -3.35 0.51 3.69
CA LYS E 76 -2.57 0.84 4.88
CA LYS E 76 -2.57 0.89 4.88
C LYS E 76 -1.16 0.28 4.79
C LYS E 76 -1.17 0.30 4.78
N TYR E 77 -0.18 1.17 4.79
CA TYR E 77 1.22 0.78 4.76
C TYR E 77 1.93 1.34 5.98
N SER E 78 2.14 0.48 6.96
CA SER E 78 2.84 0.83 8.20
C SER E 78 2.18 1.98 8.94
N GLY E 79 0.85 2.06 8.89
CA GLY E 79 0.10 3.02 9.68
C GLY E 79 -0.55 4.14 8.89
N SER E 80 0.04 4.52 7.76
CA SER E 80 -0.53 5.56 6.90
C SER E 80 -1.32 4.93 5.76
N SER E 81 -2.42 5.56 5.38
CA SER E 81 -3.29 5.06 4.33
C SER E 81 -3.10 5.87 3.06
N TYR E 82 -2.97 5.17 1.93
CA TYR E 82 -2.78 5.82 0.64
C TYR E 82 -3.84 5.29 -0.32
N PRO E 83 -4.15 6.06 -1.39
CA PRO E 83 -5.10 5.56 -2.38
C PRO E 83 -4.60 4.30 -3.09
N PHE E 84 -5.51 3.39 -3.41
CA PHE E 84 -5.17 2.12 -4.03
C PHE E 84 -6.06 1.84 -5.25
N PRO E 85 -5.47 1.44 -6.39
CA PRO E 85 -4.06 1.15 -6.70
C PRO E 85 -3.11 2.32 -6.53
N THR E 86 -1.88 2.02 -6.12
CA THR E 86 -0.92 3.07 -5.87
C THR E 86 -0.47 3.71 -7.18
N THR E 87 -0.51 5.03 -7.21
CA THR E 87 -0.06 5.82 -8.36
C THR E 87 1.30 6.45 -8.08
N SER E 88 1.83 6.19 -6.88
CA SER E 88 3.09 6.75 -6.45
C SER E 88 3.72 5.85 -5.40
N GLU E 89 5.04 5.76 -5.42
CA GLU E 89 5.75 4.99 -4.41
C GLU E 89 5.51 5.58 -3.03
N THR E 90 5.23 4.72 -2.06
CA THR E 90 4.97 5.15 -0.70
C THR E 90 6.29 5.54 -0.02
N PRO E 91 6.21 6.22 1.13
CA PRO E 91 7.42 6.44 1.93
C PRO E 91 8.10 5.15 2.38
N ARG E 92 9.36 5.26 2.78
CA ARG E 92 10.15 4.11 3.19
C ARG E 92 9.84 3.60 4.60
N VAL E 93 10.07 2.31 4.80
CA VAL E 93 10.07 1.70 6.13
C VAL E 93 11.46 1.14 6.41
N VAL E 94 11.99 1.41 7.61
CA VAL E 94 13.33 0.97 7.97
C VAL E 94 13.36 -0.50 8.36
N TYR E 95 14.36 -1.22 7.85
CA TYR E 95 14.59 -2.63 8.20
C TYR E 95 16.01 -2.89 8.71
N ASN E 96 16.14 -3.34 9.96
CA ASN E 96 17.47 -3.58 10.54
C ASN E 96 17.52 -4.68 11.62
N SER E 97 17.12 -5.89 11.26
CA SER E 97 17.24 -7.05 12.14
C SER E 97 17.15 -8.36 11.34
N ARG E 98 17.97 -9.34 11.72
CA ARG E 98 18.01 -10.63 11.05
C ARG E 98 16.69 -11.37 11.20
N THR E 99 15.99 -11.09 12.30
CA THR E 99 14.68 -11.71 12.53
C THR E 99 13.69 -11.20 11.50
N ASP E 100 12.92 -12.13 10.94
CA ASP E 100 11.92 -11.80 9.94
C ASP E 100 10.81 -10.93 10.54
N LYS E 101 10.58 -9.77 9.93
CA LYS E 101 9.58 -8.81 10.41
C LYS E 101 8.51 -8.57 9.35
N PRO E 102 7.27 -8.30 9.78
CA PRO E 102 6.14 -8.11 8.85
C PRO E 102 6.35 -7.06 7.77
N TRP E 103 5.81 -7.31 6.59
CA TRP E 103 5.63 -6.28 5.58
C TRP E 103 4.22 -5.71 5.78
N PRO E 104 4.10 -4.54 6.44
CA PRO E 104 2.79 -4.07 6.90
C PRO E 104 1.86 -3.56 5.80
N VAL E 105 1.23 -4.45 5.04
CA VAL E 105 0.30 -4.04 3.98
C VAL E 105 -1.09 -4.59 4.27
N ALA E 106 -2.09 -3.72 4.18
CA ALA E 106 -3.48 -4.11 4.36
C ALA E 106 -4.31 -3.45 3.27
N LEU E 107 -5.02 -4.26 2.50
CA LEU E 107 -5.78 -3.76 1.37
C LEU E 107 -7.24 -3.53 1.74
N TYR E 108 -7.73 -2.32 1.46
CA TYR E 108 -9.11 -1.94 1.77
C TYR E 108 -9.90 -1.61 0.51
N LEU E 109 -11.22 -1.74 0.61
CA LEU E 109 -12.14 -1.56 -0.51
C LEU E 109 -13.14 -0.45 -0.19
N THR E 110 -13.28 0.53 -1.07
CA THR E 110 -14.21 1.64 -0.85
C THR E 110 -15.64 1.13 -1.08
N PRO E 111 -16.54 1.36 -0.11
CA PRO E 111 -17.93 0.87 -0.26
C PRO E 111 -18.68 1.50 -1.43
N VAL E 112 -19.49 0.70 -2.12
CA VAL E 112 -20.24 1.20 -3.26
C VAL E 112 -21.74 0.84 -3.20
N SER E 113 -22.09 -0.09 -2.32
CA SER E 113 -23.47 -0.53 -2.16
C SER E 113 -23.90 -0.36 -0.72
N SER E 114 -24.98 -1.05 -0.34
CA SER E 114 -25.47 -1.01 1.02
C SER E 114 -24.98 -2.27 1.71
N ALA E 115 -25.43 -3.42 1.22
CA ALA E 115 -24.98 -4.71 1.72
C ALA E 115 -24.56 -5.67 0.61
N GLY E 116 -24.15 -5.13 -0.53
CA GLY E 116 -23.75 -5.94 -1.68
C GLY E 116 -22.42 -6.63 -1.49
N GLY E 117 -22.06 -7.49 -2.43
CA GLY E 117 -20.78 -8.17 -2.38
C GLY E 117 -20.45 -8.93 -3.65
N VAL E 118 -19.15 -9.03 -3.91
CA VAL E 118 -18.60 -9.71 -5.07
C VAL E 118 -17.98 -11.03 -4.63
N ALA E 119 -18.21 -12.09 -5.39
CA ALA E 119 -17.75 -13.42 -5.02
C ALA E 119 -16.30 -13.64 -5.45
N ILE E 120 -15.50 -14.18 -4.55
CA ILE E 120 -14.12 -14.53 -4.84
C ILE E 120 -13.92 -16.04 -4.69
N LYS E 121 -13.63 -16.71 -5.80
CA LYS E 121 -13.38 -18.15 -5.79
C LYS E 121 -11.95 -18.47 -5.39
N ALA E 122 -11.79 -19.59 -4.68
CA ALA E 122 -10.48 -20.03 -4.24
C ALA E 122 -9.59 -20.28 -5.45
N GLY E 123 -8.34 -19.84 -5.38
CA GLY E 123 -7.41 -19.97 -6.46
C GLY E 123 -7.37 -18.73 -7.35
N SER E 124 -8.28 -17.80 -7.12
CA SER E 124 -8.34 -16.56 -7.89
C SER E 124 -7.22 -15.61 -7.50
N LEU E 125 -6.74 -14.84 -8.48
CA LEU E 125 -5.84 -13.71 -8.22
C LEU E 125 -6.65 -12.54 -7.66
N ILE E 126 -6.24 -11.99 -6.53
CA ILE E 126 -6.97 -10.87 -5.95
C ILE E 126 -6.14 -9.58 -5.96
N ALA E 127 -4.82 -9.71 -6.03
CA ALA E 127 -3.95 -8.54 -6.08
C ALA E 127 -2.53 -8.88 -6.50
N VAL E 128 -1.82 -7.88 -7.01
CA VAL E 128 -0.40 -7.97 -7.29
C VAL E 128 0.31 -6.80 -6.61
N LEU E 129 1.07 -7.09 -5.56
CA LEU E 129 1.76 -6.05 -4.78
C LEU E 129 3.25 -6.02 -5.11
N ILE E 130 3.80 -4.81 -5.20
CA ILE E 130 5.20 -4.63 -5.54
C ILE E 130 5.99 -3.99 -4.39
N LEU E 131 6.93 -4.74 -3.84
CA LEU E 131 7.80 -4.26 -2.78
C LEU E 131 9.14 -3.84 -3.39
N ARG E 132 9.51 -2.58 -3.20
CA ARG E 132 10.79 -2.09 -3.71
C ARG E 132 11.77 -1.94 -2.53
N GLN E 133 12.93 -2.57 -2.63
CA GLN E 133 13.91 -2.53 -1.54
C GLN E 133 15.22 -1.85 -1.96
N THR E 134 15.71 -0.94 -1.11
CA THR E 134 16.99 -0.28 -1.32
C THR E 134 17.75 -0.19 0.00
N ASN E 135 18.88 0.49 0.01
CA ASN E 135 19.66 0.63 1.23
C ASN E 135 20.49 1.91 1.27
N ASN E 136 21.29 2.07 2.31
CA ASN E 136 22.18 3.21 2.47
C ASN E 136 23.64 2.82 2.24
N TYR E 137 23.87 1.56 1.88
CA TYR E 137 25.21 1.02 1.71
C TYR E 137 25.69 1.23 0.27
N ASN E 138 24.97 0.62 -0.68
CA ASN E 138 25.32 0.69 -2.10
C ASN E 138 24.13 1.19 -2.93
N SER E 139 24.15 0.90 -4.23
CA SER E 139 23.17 1.41 -5.18
C SER E 139 22.17 0.34 -5.63
N ASP E 140 21.88 -0.61 -4.74
CA ASP E 140 20.96 -1.71 -5.06
C ASP E 140 19.52 -1.24 -5.18
N ASP E 141 18.81 -1.80 -6.15
CA ASP E 141 17.41 -1.42 -6.40
C ASP E 141 16.59 -2.61 -6.89
N PHE E 142 16.07 -3.39 -5.93
CA PHE E 142 15.42 -4.67 -6.21
C PHE E 142 13.89 -4.63 -6.09
N GLN E 143 13.23 -5.51 -6.85
CA GLN E 143 11.77 -5.68 -6.79
C GLN E 143 11.36 -7.05 -6.24
N PHE E 144 10.49 -7.04 -5.26
CA PHE E 144 9.84 -8.27 -4.79
C PHE E 144 8.35 -8.17 -5.12
N VAL E 145 7.91 -8.98 -6.08
CA VAL E 145 6.52 -8.95 -6.54
C VAL E 145 5.70 -10.04 -5.88
N TRP E 146 4.60 -9.66 -5.25
CA TRP E 146 3.76 -10.59 -4.51
C TRP E 146 2.41 -10.76 -5.18
N ASN E 147 2.18 -11.95 -5.72
CA ASN E 147 0.90 -12.30 -6.34
C ASN E 147 -0.02 -12.92 -5.31
N ILE E 148 -1.03 -12.17 -4.87
CA ILE E 148 -1.91 -12.63 -3.82
C ILE E 148 -3.07 -13.42 -4.39
N TYR E 149 -3.20 -14.67 -3.95
CA TYR E 149 -4.27 -15.56 -4.38
C TYR E 149 -5.18 -15.94 -3.22
N ALA E 150 -6.46 -16.11 -3.51
CA ALA E 150 -7.43 -16.52 -2.49
C ALA E 150 -7.34 -18.01 -2.25
N ASN E 151 -7.14 -18.39 -1.00
CA ASN E 151 -7.05 -19.79 -0.64
C ASN E 151 -8.43 -20.46 -0.50
N ASN E 152 -9.47 -19.66 -0.28
CA ASN E 152 -10.81 -20.17 -0.05
C ASN E 152 -11.90 -19.36 -0.74
N ASP E 153 -13.10 -19.93 -0.88
CA ASP E 153 -14.25 -19.18 -1.38
C ASP E 153 -14.78 -18.24 -0.31
N VAL E 154 -14.87 -16.96 -0.66
CA VAL E 154 -15.42 -15.93 0.20
C VAL E 154 -16.21 -14.90 -0.60
N VAL E 155 -17.03 -14.12 0.09
CA VAL E 155 -17.71 -12.99 -0.52
C VAL E 155 -17.16 -11.70 0.11
N VAL E 156 -16.59 -10.83 -0.72
CA VAL E 156 -16.04 -9.55 -0.27
C VAL E 156 -17.13 -8.49 -0.22
N PRO E 157 -17.48 -8.01 0.98
CA PRO E 157 -18.58 -7.04 1.05
C PRO E 157 -18.21 -5.67 0.46
N THR E 158 -19.11 -5.17 -0.38
CA THR E 158 -18.92 -3.91 -1.10
C THR E 158 -19.73 -2.76 -0.50
N GLY E 159 -20.24 -2.96 0.71
CA GLY E 159 -21.13 -2.00 1.34
C GLY E 159 -20.74 -1.63 2.75
N GLY E 160 -21.60 -0.86 3.42
CA GLY E 160 -21.35 -0.46 4.79
C GLY E 160 -22.04 -1.38 5.78
N CYS E 161 -22.66 -2.44 5.27
CA CYS E 161 -23.38 -3.39 6.10
C CYS E 161 -23.09 -4.82 5.65
N ASP E 162 -23.31 -5.77 6.54
CA ASP E 162 -23.00 -7.16 6.23
C ASP E 162 -24.07 -8.10 6.79
N VAL E 163 -24.28 -9.21 6.11
CA VAL E 163 -25.28 -10.21 6.48
C VAL E 163 -24.67 -11.47 7.09
N SER E 164 -25.50 -12.22 7.81
CA SER E 164 -25.08 -13.48 8.42
C SER E 164 -24.80 -14.54 7.36
N ALA E 165 -25.44 -14.40 6.20
CA ALA E 165 -25.31 -15.40 5.14
C ALA E 165 -25.75 -14.88 3.78
N ARG E 166 -24.93 -15.13 2.77
CA ARG E 166 -25.28 -14.74 1.41
C ARG E 166 -26.21 -15.77 0.78
N ASP E 167 -26.13 -17.01 1.27
CA ASP E 167 -26.92 -18.11 0.75
C ASP E 167 -27.42 -18.98 1.89
N VAL E 168 -28.74 -18.97 2.11
CA VAL E 168 -29.34 -19.74 3.19
C VAL E 168 -30.30 -20.81 2.68
N THR E 169 -30.39 -21.92 3.40
CA THR E 169 -31.36 -22.96 3.10
C THR E 169 -32.08 -23.37 4.38
N VAL E 170 -33.41 -23.33 4.34
CA VAL E 170 -34.23 -23.74 5.46
C VAL E 170 -35.29 -24.76 5.04
N THR E 171 -35.65 -25.65 5.96
CA THR E 171 -36.60 -26.73 5.68
C THR E 171 -37.87 -26.54 6.52
N LEU E 172 -39.00 -26.46 5.83
CA LEU E 172 -40.30 -26.34 6.48
C LEU E 172 -40.72 -27.66 7.11
N PRO E 173 -41.57 -27.58 8.15
CA PRO E 173 -42.23 -28.82 8.58
C PRO E 173 -43.15 -29.32 7.48
N ASP E 174 -43.55 -30.58 7.54
CA ASP E 174 -44.50 -31.11 6.55
C ASP E 174 -45.75 -30.23 6.57
N TYR E 175 -46.27 -29.94 5.39
CA TYR E 175 -47.42 -29.05 5.24
C TYR E 175 -48.59 -29.47 6.13
N PRO E 176 -49.23 -28.52 6.83
CA PRO E 176 -48.94 -27.09 6.98
C PRO E 176 -48.00 -26.80 8.13
N GLY E 177 -47.33 -25.65 8.12
CA GLY E 177 -46.43 -25.29 9.21
C GLY E 177 -45.61 -24.06 8.90
N SER E 178 -44.67 -23.75 9.78
CA SER E 178 -43.79 -22.60 9.61
C SER E 178 -42.44 -22.85 10.28
N VAL E 179 -41.47 -21.99 9.98
CA VAL E 179 -40.16 -22.08 10.59
C VAL E 179 -39.47 -20.73 10.42
N PRO E 180 -38.76 -20.26 11.47
CA PRO E 180 -38.04 -18.99 11.33
C PRO E 180 -36.87 -19.07 10.36
N ILE E 181 -36.57 -17.95 9.73
CA ILE E 181 -35.43 -17.86 8.81
C ILE E 181 -34.30 -17.09 9.50
N PRO E 182 -33.31 -17.83 10.06
CA PRO E 182 -32.21 -17.13 10.73
C PRO E 182 -31.35 -16.31 9.76
N LEU E 183 -31.55 -15.00 9.80
CA LEU E 183 -30.86 -14.08 8.91
C LEU E 183 -30.80 -12.70 9.56
N THR E 184 -29.58 -12.21 9.81
CA THR E 184 -29.37 -10.96 10.51
C THR E 184 -28.44 -10.02 9.72
N VAL E 185 -28.41 -8.76 10.12
CA VAL E 185 -27.59 -7.74 9.45
C VAL E 185 -27.00 -6.73 10.43
N TYR E 186 -25.77 -6.29 10.17
CA TYR E 186 -25.15 -5.23 10.97
C TYR E 186 -24.33 -4.29 10.08
N CYS E 187 -24.11 -3.07 10.57
CA CYS E 187 -23.38 -2.05 9.82
C CYS E 187 -22.14 -1.59 10.59
N ALA E 188 -21.12 -1.16 9.87
CA ALA E 188 -19.89 -0.68 10.50
C ALA E 188 -20.16 0.58 11.33
N LYS E 189 -21.01 1.45 10.79
CA LYS E 189 -21.52 2.59 11.56
C LYS E 189 -23.02 2.63 11.32
N SER E 190 -23.72 3.50 12.05
CA SER E 190 -25.17 3.56 11.97
C SER E 190 -25.67 4.01 10.59
N GLN E 191 -26.57 3.24 9.99
CA GLN E 191 -27.16 3.57 8.69
C GLN E 191 -28.67 3.31 8.81
N ASN E 192 -29.50 4.16 8.19
CA ASN E 192 -30.92 3.86 8.12
C ASN E 192 -31.16 2.77 7.07
N LEU E 193 -31.33 1.53 7.50
CA LEU E 193 -31.36 0.39 6.58
C LEU E 193 -32.76 -0.18 6.37
N GLY E 194 -32.96 -0.78 5.21
CA GLY E 194 -34.19 -1.48 4.87
C GLY E 194 -33.88 -2.53 3.84
N TYR E 195 -34.79 -3.48 3.65
CA TYR E 195 -34.61 -4.52 2.66
C TYR E 195 -35.94 -4.85 1.99
N TYR E 196 -35.87 -5.44 0.80
CA TYR E 196 -37.07 -5.89 0.10
C TYR E 196 -36.85 -7.27 -0.53
N LEU E 197 -37.94 -8.02 -0.70
CA LEU E 197 -37.84 -9.37 -1.20
C LEU E 197 -37.97 -9.38 -2.71
N SER E 198 -37.37 -10.37 -3.36
CA SER E 198 -37.47 -10.51 -4.81
C SER E 198 -37.62 -11.98 -5.19
N GLY E 199 -38.36 -12.24 -6.26
CA GLY E 199 -38.61 -13.60 -6.70
C GLY E 199 -39.86 -13.74 -7.54
N THR E 200 -40.14 -14.98 -7.96
CA THR E 200 -41.32 -15.26 -8.75
C THR E 200 -42.52 -15.55 -7.86
N THR E 201 -43.65 -14.90 -8.13
CA THR E 201 -44.85 -15.08 -7.31
C THR E 201 -46.03 -15.63 -8.12
N ALA E 202 -46.97 -16.26 -7.43
CA ALA E 202 -48.09 -16.95 -8.08
C ALA E 202 -49.40 -16.17 -7.92
N ASP E 203 -49.45 -15.31 -6.91
CA ASP E 203 -50.68 -14.55 -6.60
C ASP E 203 -50.54 -13.10 -7.04
N ALA E 204 -51.68 -12.41 -7.19
CA ALA E 204 -51.69 -11.00 -7.53
C ALA E 204 -51.18 -10.14 -6.38
N GLY E 205 -51.28 -10.67 -5.16
CA GLY E 205 -50.84 -9.96 -3.97
C GLY E 205 -49.33 -9.91 -3.89
N ASN E 206 -48.67 -10.73 -4.70
CA ASN E 206 -47.22 -10.73 -4.79
C ASN E 206 -46.59 -11.10 -3.44
N SER E 207 -47.14 -12.13 -2.81
CA SER E 207 -46.72 -12.55 -1.47
C SER E 207 -46.43 -14.03 -1.42
N ILE E 208 -47.04 -14.78 -2.33
CA ILE E 208 -46.84 -16.21 -2.42
C ILE E 208 -45.84 -16.57 -3.52
N PHE E 209 -44.66 -17.04 -3.13
CA PHE E 209 -43.61 -17.38 -4.08
C PHE E 209 -43.80 -18.75 -4.74
N THR E 210 -43.46 -18.83 -6.02
CA THR E 210 -43.71 -20.02 -6.84
C THR E 210 -42.94 -21.24 -6.35
N ASN E 211 -43.55 -22.41 -6.49
CA ASN E 211 -42.90 -23.67 -6.18
C ASN E 211 -42.11 -24.20 -7.38
N THR E 212 -40.78 -24.13 -7.31
CA THR E 212 -39.91 -24.53 -8.42
C THR E 212 -39.18 -25.84 -8.13
N ALA E 213 -39.82 -26.73 -7.39
CA ALA E 213 -39.21 -28.03 -7.09
C ALA E 213 -39.08 -28.84 -8.39
N SER E 214 -37.90 -29.41 -8.59
CA SER E 214 -37.59 -30.11 -9.83
C SER E 214 -38.17 -31.50 -9.84
N PHE E 215 -37.95 -32.23 -8.75
CA PHE E 215 -38.30 -33.64 -8.67
C PHE E 215 -39.50 -33.87 -7.75
N SER E 216 -40.49 -34.57 -8.28
CA SER E 216 -41.71 -34.90 -7.54
C SER E 216 -42.40 -33.66 -6.94
N PRO E 217 -42.70 -32.66 -7.78
CA PRO E 217 -43.26 -31.39 -7.31
C PRO E 217 -44.71 -31.43 -6.82
N ALA E 218 -44.93 -30.87 -5.63
CA ALA E 218 -46.27 -30.70 -5.08
C ALA E 218 -46.98 -29.56 -5.80
N GLN E 219 -48.30 -29.64 -5.91
CA GLN E 219 -49.09 -28.60 -6.57
C GLN E 219 -50.04 -27.94 -5.58
N GLY E 220 -50.46 -26.71 -5.88
CA GLY E 220 -51.45 -26.02 -5.07
C GLY E 220 -50.93 -25.26 -3.87
N VAL E 221 -49.62 -25.34 -3.61
CA VAL E 221 -49.01 -24.64 -2.47
C VAL E 221 -47.81 -23.82 -2.91
N GLY E 222 -47.53 -22.76 -2.16
CA GLY E 222 -46.34 -21.95 -2.37
C GLY E 222 -45.78 -21.51 -1.03
N VAL E 223 -44.77 -20.64 -1.06
CA VAL E 223 -44.14 -20.16 0.17
C VAL E 223 -44.44 -18.67 0.35
N GLN E 224 -44.68 -18.26 1.59
CA GLN E 224 -45.02 -16.88 1.91
C GLN E 224 -44.29 -16.45 3.17
N LEU E 225 -43.60 -15.31 3.11
CA LEU E 225 -42.83 -14.85 4.27
C LEU E 225 -43.59 -13.85 5.13
N THR E 226 -43.40 -13.98 6.44
CA THR E 226 -44.02 -13.09 7.42
C THR E 226 -43.06 -12.70 8.52
N ARG E 227 -43.35 -11.59 9.19
CA ARG E 227 -42.64 -11.23 10.41
C ARG E 227 -43.64 -10.61 11.40
N ASN E 228 -43.87 -11.34 12.49
CA ASN E 228 -44.89 -11.02 13.49
C ASN E 228 -46.32 -11.09 12.93
N GLY E 229 -46.52 -11.93 11.92
CA GLY E 229 -47.84 -12.16 11.37
C GLY E 229 -48.19 -11.33 10.16
N THR E 230 -47.39 -10.31 9.89
CA THR E 230 -47.64 -9.45 8.74
C THR E 230 -47.00 -10.07 7.52
N ILE E 231 -47.80 -10.25 6.47
CA ILE E 231 -47.30 -10.84 5.24
C ILE E 231 -46.34 -9.85 4.60
N ILE E 232 -45.24 -10.36 4.06
CA ILE E 232 -44.25 -9.50 3.42
C ILE E 232 -44.29 -9.78 1.92
N PRO E 233 -44.92 -8.89 1.15
CA PRO E 233 -44.93 -9.14 -0.29
C PRO E 233 -43.57 -8.82 -0.92
N ALA E 234 -43.35 -9.31 -2.12
CA ALA E 234 -42.11 -9.01 -2.84
C ALA E 234 -42.13 -7.54 -3.25
N ASN E 235 -40.94 -6.96 -3.36
CA ASN E 235 -40.79 -5.57 -3.77
C ASN E 235 -41.62 -4.67 -2.86
N ASN E 236 -41.60 -4.99 -1.58
CA ASN E 236 -42.28 -4.19 -0.56
C ASN E 236 -41.28 -3.90 0.56
N THR E 237 -40.99 -2.61 0.76
CA THR E 237 -39.92 -2.19 1.64
C THR E 237 -40.12 -2.54 3.11
N VAL E 238 -39.27 -3.40 3.65
CA VAL E 238 -39.25 -3.64 5.08
C VAL E 238 -38.22 -2.72 5.73
N SER E 239 -38.68 -1.82 6.60
CA SER E 239 -37.77 -0.90 7.28
C SER E 239 -37.20 -1.53 8.54
N LEU E 240 -35.88 -1.42 8.71
CA LEU E 240 -35.22 -1.93 9.89
C LEU E 240 -34.82 -0.78 10.81
N GLY E 241 -34.99 0.44 10.34
CA GLY E 241 -34.62 1.62 11.09
C GLY E 241 -33.11 1.80 11.09
N ALA E 242 -32.60 2.38 12.16
CA ALA E 242 -31.16 2.56 12.32
C ALA E 242 -30.50 1.25 12.71
N VAL E 243 -29.49 0.83 11.95
CA VAL E 243 -28.72 -0.37 12.25
C VAL E 243 -27.24 -0.05 12.44
N GLY E 244 -26.70 -0.44 13.60
CA GLY E 244 -25.30 -0.18 13.93
C GLY E 244 -24.47 -1.45 13.94
N THR E 245 -23.46 -1.49 14.79
CA THR E 245 -22.56 -2.64 14.88
C THR E 245 -23.28 -3.85 15.46
N SER E 246 -24.31 -3.61 16.26
CA SER E 246 -25.10 -4.70 16.82
C SER E 246 -26.02 -5.28 15.75
N ALA E 247 -25.95 -6.61 15.60
CA ALA E 247 -26.71 -7.31 14.57
C ALA E 247 -28.21 -7.30 14.82
N VAL E 248 -28.98 -7.01 13.76
CA VAL E 248 -30.44 -7.00 13.82
C VAL E 248 -31.04 -8.07 12.91
N SER E 249 -31.99 -8.83 13.45
CA SER E 249 -32.66 -9.88 12.71
C SER E 249 -33.73 -9.30 11.78
N LEU E 250 -33.88 -9.90 10.60
CA LEU E 250 -34.91 -9.48 9.66
C LEU E 250 -36.28 -9.97 10.12
N GLY E 251 -36.27 -10.88 11.08
CA GLY E 251 -37.50 -11.39 11.68
C GLY E 251 -38.40 -12.14 10.72
N LEU E 252 -37.81 -12.73 9.68
CA LEU E 252 -38.60 -13.42 8.66
C LEU E 252 -38.92 -14.86 9.05
N THR E 253 -40.16 -15.26 8.76
CA THR E 253 -40.61 -16.62 9.01
C THR E 253 -41.29 -17.17 7.76
N ALA E 254 -40.94 -18.39 7.37
CA ALA E 254 -41.48 -19.01 6.17
C ALA E 254 -42.80 -19.71 6.47
N ASN E 255 -43.77 -19.55 5.57
CA ASN E 255 -45.06 -20.20 5.72
C ASN E 255 -45.49 -20.87 4.42
N TYR E 256 -46.34 -21.90 4.52
CA TYR E 256 -47.04 -22.42 3.35
C TYR E 256 -48.19 -21.47 3.01
N ALA E 257 -48.60 -21.47 1.75
CA ALA E 257 -49.73 -20.67 1.31
C ALA E 257 -50.39 -21.35 0.13
N ARG E 258 -51.72 -21.48 0.16
CA ARG E 258 -52.42 -22.11 -0.95
C ARG E 258 -52.47 -21.14 -2.12
N THR E 259 -52.18 -21.64 -3.31
CA THR E 259 -52.20 -20.82 -4.52
C THR E 259 -53.51 -20.99 -5.26
N GLY E 260 -53.96 -22.23 -5.38
CA GLY E 260 -55.20 -22.55 -6.06
C GLY E 260 -55.16 -23.90 -6.74
N GLY E 261 -56.24 -24.66 -6.59
CA GLY E 261 -56.35 -25.98 -7.19
C GLY E 261 -56.05 -27.11 -6.22
N GLN E 262 -55.99 -28.32 -6.76
CA GLN E 262 -55.77 -29.52 -5.97
C GLN E 262 -54.39 -29.49 -5.30
N VAL E 263 -54.32 -29.89 -4.03
CA VAL E 263 -53.05 -30.00 -3.32
C VAL E 263 -52.56 -31.45 -3.32
N THR E 264 -51.42 -31.69 -3.98
CA THR E 264 -50.85 -33.03 -4.08
C THR E 264 -49.55 -33.15 -3.30
N ALA E 265 -49.19 -34.37 -2.94
CA ALA E 265 -47.94 -34.63 -2.23
C ALA E 265 -46.74 -34.36 -3.14
N GLY E 266 -45.61 -33.98 -2.54
CA GLY E 266 -44.40 -33.73 -3.31
C GLY E 266 -43.49 -32.69 -2.68
N ASN E 267 -42.33 -32.47 -3.30
CA ASN E 267 -41.39 -31.49 -2.80
C ASN E 267 -41.86 -30.08 -3.09
N VAL E 268 -41.43 -29.14 -2.26
CA VAL E 268 -41.68 -27.72 -2.45
C VAL E 268 -40.34 -27.00 -2.38
N GLN E 269 -40.16 -26.02 -3.26
CA GLN E 269 -38.94 -25.24 -3.27
C GLN E 269 -39.22 -23.84 -3.76
N SER E 270 -38.67 -22.86 -3.06
CA SER E 270 -38.82 -21.46 -3.44
C SER E 270 -37.57 -20.68 -3.08
N ILE E 271 -36.98 -20.04 -4.08
CA ILE E 271 -35.82 -19.17 -3.87
C ILE E 271 -36.28 -17.73 -3.74
N ILE E 272 -35.87 -17.07 -2.67
CA ILE E 272 -36.25 -15.68 -2.44
C ILE E 272 -35.01 -14.82 -2.29
N GLY E 273 -34.97 -13.74 -3.06
CA GLY E 273 -33.84 -12.82 -3.00
C GLY E 273 -34.11 -11.70 -2.02
N VAL E 274 -33.09 -11.36 -1.24
CA VAL E 274 -33.18 -10.24 -0.31
C VAL E 274 -32.16 -9.19 -0.72
N THR E 275 -32.62 -7.96 -0.90
CA THR E 275 -31.78 -6.84 -1.29
C THR E 275 -31.92 -5.71 -0.28
N PHE E 276 -30.78 -5.17 0.16
CA PHE E 276 -30.78 -4.09 1.14
C PHE E 276 -30.67 -2.74 0.45
N VAL E 277 -31.22 -1.72 1.11
CA VAL E 277 -31.23 -0.37 0.57
C VAL E 277 -31.08 0.66 1.68
N TYR E 278 -30.43 1.78 1.37
CA TYR E 278 -30.32 2.89 2.31
C TYR E 278 -31.56 3.75 2.18
N GLN E 279 -31.97 4.34 3.30
CA GLN E 279 -33.14 5.20 3.34
C GLN E 279 -32.77 6.59 3.84
N ALA F 1 -29.29 -9.75 -5.87
CA ALA F 1 -29.72 -9.86 -4.48
C ALA F 1 -28.51 -9.95 -3.56
N ASP F 2 -28.65 -9.46 -2.34
CA ASP F 2 -27.56 -9.46 -1.37
C ASP F 2 -27.50 -10.80 -0.64
N SER F 3 -28.65 -11.47 -0.58
CA SER F 3 -28.78 -12.79 0.00
C SER F 3 -29.88 -13.52 -0.74
N THR F 4 -29.80 -14.84 -0.75
CA THR F 4 -30.80 -15.67 -1.40
C THR F 4 -31.28 -16.72 -0.42
N ILE F 5 -32.58 -16.72 -0.16
CA ILE F 5 -33.19 -17.69 0.76
C ILE F 5 -33.84 -18.83 -0.02
N THR F 6 -33.43 -20.05 0.28
CA THR F 6 -33.99 -21.23 -0.35
C THR F 6 -34.82 -22.01 0.66
N ILE F 7 -36.13 -21.98 0.47
CA ILE F 7 -37.07 -22.67 1.36
C ILE F 7 -37.50 -23.99 0.77
N ARG F 8 -37.26 -25.07 1.52
CA ARG F 8 -37.66 -26.41 1.11
C ARG F 8 -38.72 -26.91 2.07
N GLY F 9 -39.62 -27.74 1.56
CA GLY F 9 -40.73 -28.27 2.35
C GLY F 9 -41.29 -29.49 1.67
N TYR F 10 -42.18 -30.20 2.37
CA TYR F 10 -42.80 -31.38 1.79
C TYR F 10 -44.30 -31.39 2.07
N VAL F 11 -45.04 -32.02 1.15
CA VAL F 11 -46.47 -32.26 1.33
C VAL F 11 -46.73 -33.75 1.29
N ARG F 12 -47.30 -34.29 2.37
CA ARG F 12 -47.57 -35.72 2.43
C ARG F 12 -49.05 -35.90 2.73
N ASP F 13 -49.66 -36.90 2.09
CA ASP F 13 -51.08 -37.16 2.21
C ASP F 13 -51.52 -37.29 3.66
N PHE G 1 -1.65 -39.30 -4.26
CA PHE G 1 -1.59 -38.54 -5.55
C PHE G 1 -0.64 -39.21 -6.53
N ALA G 2 -1.14 -39.49 -7.73
CA ALA G 2 -0.34 -40.12 -8.77
C ALA G 2 -0.80 -39.66 -10.15
N CYS G 3 0.01 -39.97 -11.17
CA CYS G 3 -0.27 -39.52 -12.53
C CYS G 3 -0.04 -40.64 -13.54
N LYS G 4 -0.79 -40.58 -14.64
CA LYS G 4 -0.58 -41.48 -15.76
C LYS G 4 -0.65 -40.74 -17.10
N THR G 5 -0.18 -41.40 -18.15
CA THR G 5 -0.24 -40.85 -19.52
C THR G 5 -1.37 -41.49 -20.28
N ALA G 6 -1.62 -40.99 -21.49
CA ALA G 6 -2.75 -41.44 -22.27
C ALA G 6 -2.68 -42.93 -22.59
N ASN G 7 -1.48 -43.47 -22.84
CA ASN G 7 -1.35 -44.88 -23.12
C ASN G 7 -1.22 -45.73 -21.85
N GLY G 8 -1.41 -45.11 -20.69
CA GLY G 8 -1.45 -45.86 -19.45
C GLY G 8 -0.19 -45.85 -18.61
N THR G 9 0.90 -45.27 -19.11
CA THR G 9 2.15 -45.29 -18.36
C THR G 9 1.89 -44.43 -17.14
N ALA G 10 2.45 -44.80 -16.00
CA ALA G 10 2.05 -44.15 -14.75
C ALA G 10 3.25 -43.78 -13.90
N ILE G 11 3.07 -42.70 -13.14
CA ILE G 11 4.01 -42.30 -12.11
C ILE G 11 3.23 -42.39 -10.81
N PRO G 12 3.70 -43.24 -9.89
CA PRO G 12 2.94 -43.56 -8.68
C PRO G 12 3.04 -42.50 -7.60
N ILE G 13 2.52 -42.83 -6.43
CA ILE G 13 2.67 -42.01 -5.24
C ILE G 13 4.14 -41.83 -4.93
N GLY G 14 4.52 -40.58 -4.66
CA GLY G 14 5.89 -40.23 -4.35
C GLY G 14 6.61 -39.50 -5.47
N GLY G 15 6.10 -39.63 -6.69
CA GLY G 15 6.68 -38.96 -7.84
C GLY G 15 7.56 -39.90 -8.64
N GLY G 16 8.30 -39.34 -9.60
CA GLY G 16 9.17 -40.11 -10.46
C GLY G 16 9.32 -39.40 -11.79
N SER G 17 9.40 -40.18 -12.88
CA SER G 17 9.39 -39.60 -14.22
C SER G 17 8.79 -40.57 -15.22
N ALA G 18 8.40 -40.04 -16.38
CA ALA G 18 7.77 -40.85 -17.42
C ALA G 18 7.91 -40.18 -18.78
N ASN G 19 7.93 -40.99 -19.83
CA ASN G 19 8.03 -40.49 -21.19
C ASN G 19 6.67 -40.30 -21.86
N VAL G 20 6.49 -39.12 -22.45
CA VAL G 20 5.27 -38.75 -23.16
C VAL G 20 5.51 -38.49 -24.63
N TYR G 21 4.89 -39.30 -25.49
CA TYR G 21 5.03 -39.17 -26.92
C TYR G 21 3.82 -38.44 -27.51
N VAL G 22 4.05 -37.34 -28.22
CA VAL G 22 2.95 -36.47 -28.68
C VAL G 22 2.97 -36.29 -30.19
N ASN G 23 1.79 -36.31 -30.79
CA ASN G 23 1.63 -35.99 -32.20
C ASN G 23 1.56 -34.49 -32.47
N LEU G 24 2.50 -34.02 -33.29
CA LEU G 24 2.66 -32.60 -33.64
C LEU G 24 2.16 -32.30 -35.05
N ALA G 25 1.59 -31.12 -35.26
CA ALA G 25 1.27 -30.67 -36.61
C ALA G 25 2.51 -30.84 -37.52
N PRO G 26 2.38 -31.62 -38.61
CA PRO G 26 3.51 -31.88 -39.53
C PRO G 26 4.14 -30.67 -40.20
N VAL G 27 3.40 -29.61 -40.39
CA VAL G 27 3.94 -28.42 -41.03
C VAL G 27 3.48 -27.23 -40.21
N VAL G 28 4.32 -26.21 -40.18
CA VAL G 28 4.03 -24.99 -39.44
C VAL G 28 4.71 -23.86 -40.19
N ASN G 29 4.01 -22.75 -40.30
CA ASN G 29 4.58 -21.56 -40.88
C ASN G 29 4.87 -20.50 -39.83
N VAL G 30 5.66 -19.50 -40.23
CA VAL G 30 6.01 -18.38 -39.35
C VAL G 30 4.77 -17.53 -39.20
N GLY G 31 4.40 -17.24 -37.95
CA GLY G 31 3.22 -16.45 -37.67
C GLY G 31 2.10 -17.36 -37.18
N GLN G 32 2.33 -18.67 -37.26
CA GLN G 32 1.38 -19.66 -36.77
C GLN G 32 1.97 -20.37 -35.54
N ASN G 33 1.09 -20.88 -34.68
CA ASN G 33 1.50 -21.52 -33.44
C ASN G 33 1.45 -23.03 -33.49
N LEU G 34 2.57 -23.67 -33.18
CA LEU G 34 2.55 -25.10 -32.98
C LEU G 34 1.97 -25.29 -31.58
N VAL G 35 0.87 -26.03 -31.48
CA VAL G 35 0.24 -26.28 -30.19
C VAL G 35 0.51 -27.69 -29.70
N VAL G 36 1.05 -27.80 -28.48
CA VAL G 36 1.28 -29.10 -27.85
C VAL G 36 0.38 -29.06 -26.63
N ASP G 37 -0.73 -29.77 -26.70
CA ASP G 37 -1.68 -29.80 -25.60
C ASP G 37 -1.50 -31.09 -24.83
N LEU G 38 -0.92 -30.96 -23.63
CA LEU G 38 -0.60 -32.12 -22.79
C LEU G 38 -1.76 -32.44 -21.88
N SER G 39 -2.81 -31.63 -21.93
CA SER G 39 -4.00 -31.90 -21.13
CA SER G 39 -4.01 -31.89 -21.15
C SER G 39 -4.70 -33.12 -21.69
N THR G 40 -4.32 -33.54 -22.89
CA THR G 40 -4.89 -34.73 -23.48
C THR G 40 -3.92 -35.90 -23.31
N GLN G 41 -2.77 -35.61 -22.69
CA GLN G 41 -1.68 -36.59 -22.58
C GLN G 41 -1.37 -37.00 -21.15
N ILE G 42 -1.59 -36.08 -20.21
CA ILE G 42 -1.26 -36.33 -18.81
C ILE G 42 -2.45 -36.15 -17.89
N PHE G 43 -2.68 -37.12 -17.01
CA PHE G 43 -3.82 -37.08 -16.11
C PHE G 43 -3.37 -37.42 -14.69
N CYS G 44 -4.03 -36.84 -13.69
CA CYS G 44 -3.70 -37.12 -12.30
CA CYS G 44 -3.71 -37.08 -12.29
C CYS G 44 -4.96 -37.19 -11.44
N HIS G 45 -4.81 -37.66 -10.21
CA HIS G 45 -5.95 -37.84 -9.30
C HIS G 45 -5.53 -37.75 -7.83
N ASN G 46 -6.51 -37.57 -6.96
CA ASN G 46 -6.27 -37.59 -5.51
C ASN G 46 -6.66 -38.96 -4.93
N ASP G 47 -5.78 -39.54 -4.11
CA ASP G 47 -6.00 -40.89 -3.58
C ASP G 47 -6.76 -40.87 -2.26
N TYR G 48 -6.87 -39.69 -1.66
CA TYR G 48 -7.57 -39.50 -0.40
C TYR G 48 -8.23 -38.10 -0.34
N PRO G 49 -9.27 -37.86 -1.17
CA PRO G 49 -9.79 -36.50 -1.37
C PRO G 49 -10.40 -35.72 -0.19
N GLU G 50 -11.17 -36.34 0.69
CA GLU G 50 -11.79 -35.59 1.78
C GLU G 50 -10.88 -35.26 2.96
N THR G 51 -9.86 -36.07 3.18
CA THR G 51 -8.97 -35.84 4.31
C THR G 51 -7.82 -34.97 3.88
N ILE G 52 -7.43 -35.09 2.62
CA ILE G 52 -6.30 -34.32 2.11
C ILE G 52 -6.62 -33.61 0.79
N THR G 53 -6.02 -32.43 0.61
CA THR G 53 -6.17 -31.63 -0.60
C THR G 53 -4.81 -31.36 -1.26
N ASP G 54 -4.69 -31.73 -2.53
CA ASP G 54 -3.44 -31.61 -3.28
C ASP G 54 -3.32 -30.31 -4.10
N TYR G 55 -2.13 -29.72 -4.10
CA TYR G 55 -1.83 -28.53 -4.88
C TYR G 55 -0.84 -28.90 -5.97
N VAL G 56 -1.20 -28.64 -7.24
CA VAL G 56 -0.38 -29.07 -8.36
C VAL G 56 0.06 -27.86 -9.16
N THR G 57 1.36 -27.70 -9.35
CA THR G 57 1.88 -26.60 -10.14
C THR G 57 2.92 -27.09 -11.15
N LEU G 58 3.15 -26.28 -12.18
CA LEU G 58 4.25 -26.49 -13.10
C LEU G 58 5.46 -25.77 -12.53
N GLN G 59 6.37 -26.53 -11.94
CA GLN G 59 7.49 -25.93 -11.24
C GLN G 59 8.39 -25.24 -12.26
N ARG G 60 8.64 -25.92 -13.38
CA ARG G 60 9.41 -25.31 -14.44
C ARG G 60 9.34 -26.15 -15.73
N GLY G 61 9.49 -25.49 -16.87
CA GLY G 61 9.46 -26.13 -18.17
C GLY G 61 10.72 -25.78 -18.93
N SER G 62 11.42 -26.80 -19.42
CA SER G 62 12.66 -26.64 -20.18
C SER G 62 12.56 -27.14 -21.62
N ALA G 63 12.99 -26.34 -22.58
CA ALA G 63 12.87 -26.72 -23.98
C ALA G 63 14.11 -27.54 -24.35
N TYR G 64 14.03 -28.31 -25.44
CA TYR G 64 15.17 -29.10 -25.90
C TYR G 64 15.07 -29.34 -27.41
N GLY G 65 16.21 -29.56 -28.06
CA GLY G 65 16.22 -29.93 -29.47
C GLY G 65 15.71 -28.84 -30.40
N GLY G 66 14.78 -29.21 -31.27
CA GLY G 66 14.22 -28.28 -32.24
C GLY G 66 13.43 -27.14 -31.61
N VAL G 67 12.85 -27.39 -30.44
CA VAL G 67 11.97 -26.40 -29.83
C VAL G 67 12.76 -25.26 -29.18
N LEU G 68 13.96 -25.56 -28.68
CA LEU G 68 14.76 -24.55 -28.00
C LEU G 68 15.37 -23.62 -29.05
N SER G 69 16.04 -24.23 -30.01
CA SER G 69 16.73 -23.53 -31.07
C SER G 69 15.86 -22.86 -32.15
N ASN G 70 14.65 -23.35 -32.39
CA ASN G 70 13.83 -22.83 -33.49
C ASN G 70 12.44 -22.27 -33.16
N PHE G 71 12.07 -22.25 -31.88
CA PHE G 71 10.76 -21.75 -31.46
C PHE G 71 10.78 -20.76 -30.30
N SER G 72 9.89 -19.78 -30.36
CA SER G 72 9.65 -18.88 -29.25
C SER G 72 8.48 -19.56 -28.54
N GLY G 73 8.42 -19.46 -27.22
CA GLY G 73 7.43 -20.24 -26.49
C GLY G 73 6.56 -19.56 -25.47
N THR G 74 5.37 -20.14 -25.31
CA THR G 74 4.45 -19.77 -24.26
C THR G 74 3.93 -21.08 -23.67
N VAL G 75 3.48 -21.05 -22.42
CA VAL G 75 2.87 -22.22 -21.79
C VAL G 75 1.62 -21.76 -21.07
N LYS G 76 0.50 -22.38 -21.42
CA LYS G 76 -0.75 -22.10 -20.74
C LYS G 76 -0.95 -23.03 -19.56
N TYR G 77 -1.13 -22.48 -18.36
CA TYR G 77 -1.40 -23.32 -17.18
C TYR G 77 -2.72 -22.92 -16.55
N SER G 78 -3.74 -23.75 -16.78
CA SER G 78 -5.08 -23.53 -16.24
C SER G 78 -5.65 -22.22 -16.77
N GLY G 79 -5.28 -21.87 -18.00
CA GLY G 79 -5.88 -20.74 -18.68
C GLY G 79 -4.98 -19.53 -18.83
N SER G 80 -4.01 -19.37 -17.94
CA SER G 80 -3.11 -18.23 -17.98
C SER G 80 -1.81 -18.55 -18.72
N SER G 81 -1.29 -17.56 -19.43
CA SER G 81 -0.09 -17.75 -20.25
C SER G 81 1.19 -17.17 -19.64
N TYR G 82 2.23 -17.99 -19.64
CA TYR G 82 3.54 -17.64 -19.11
C TYR G 82 4.66 -17.92 -20.11
N PRO G 83 5.83 -17.30 -19.90
CA PRO G 83 6.98 -17.57 -20.76
C PRO G 83 7.46 -19.03 -20.71
N PHE G 84 7.88 -19.55 -21.86
CA PHE G 84 8.49 -20.87 -21.95
C PHE G 84 9.77 -20.74 -22.79
N PRO G 85 10.93 -21.15 -22.23
CA PRO G 85 11.22 -21.74 -20.92
C PRO G 85 10.73 -20.87 -19.75
N THR G 86 10.32 -21.55 -18.68
CA THR G 86 9.67 -20.93 -17.53
C THR G 86 10.59 -20.09 -16.65
N THR G 87 10.08 -18.94 -16.22
CA THR G 87 10.82 -18.08 -15.31
C THR G 87 10.32 -18.13 -13.86
N SER G 88 9.21 -18.82 -13.63
CA SER G 88 8.63 -18.91 -12.28
C SER G 88 7.64 -20.08 -12.16
N GLU G 89 7.55 -20.64 -10.97
CA GLU G 89 6.54 -21.65 -10.68
C GLU G 89 5.14 -21.07 -10.81
N THR G 90 4.26 -21.81 -11.46
CA THR G 90 2.88 -21.37 -11.69
C THR G 90 2.01 -21.41 -10.44
N PRO G 91 0.84 -20.76 -10.49
CA PRO G 91 -0.16 -20.87 -9.43
C PRO G 91 -0.61 -22.32 -9.25
N ARG G 92 -1.26 -22.60 -8.12
CA ARG G 92 -1.66 -23.96 -7.80
C ARG G 92 -2.89 -24.39 -8.57
N VAL G 93 -2.99 -25.68 -8.85
CA VAL G 93 -4.27 -26.25 -9.26
C VAL G 93 -4.65 -27.30 -8.21
N VAL G 94 -5.87 -27.21 -7.70
CA VAL G 94 -6.34 -28.14 -6.69
C VAL G 94 -6.85 -29.43 -7.32
N TYR G 95 -6.49 -30.55 -6.70
CA TYR G 95 -6.97 -31.85 -7.09
C TYR G 95 -7.68 -32.40 -5.87
N ASN G 96 -8.98 -32.66 -6.03
CA ASN G 96 -9.85 -33.05 -4.93
C ASN G 96 -10.85 -34.08 -5.43
N SER G 97 -10.38 -34.97 -6.28
CA SER G 97 -11.23 -36.04 -6.80
C SER G 97 -10.43 -37.24 -7.23
N ARG G 98 -10.93 -38.41 -6.86
CA ARG G 98 -10.31 -39.69 -7.19
C ARG G 98 -10.39 -39.91 -8.70
N THR G 99 -11.39 -39.31 -9.31
CA THR G 99 -11.58 -39.39 -10.75
C THR G 99 -10.41 -38.67 -11.44
N ASP G 100 -9.89 -39.29 -12.49
CA ASP G 100 -8.74 -38.73 -13.23
C ASP G 100 -9.03 -37.38 -13.84
N LYS G 101 -8.18 -36.41 -13.53
CA LYS G 101 -8.32 -35.07 -14.07
C LYS G 101 -7.09 -34.72 -14.92
N PRO G 102 -7.31 -34.06 -16.07
CA PRO G 102 -6.21 -33.62 -16.95
C PRO G 102 -5.24 -32.68 -16.24
N TRP G 103 -3.98 -32.70 -16.64
CA TRP G 103 -3.02 -31.69 -16.20
C TRP G 103 -3.03 -30.52 -17.20
N PRO G 104 -3.68 -29.41 -16.82
CA PRO G 104 -3.98 -28.35 -17.81
C PRO G 104 -2.73 -27.61 -18.27
N VAL G 105 -1.90 -28.28 -19.07
CA VAL G 105 -0.70 -27.68 -19.62
C VAL G 105 -0.68 -27.76 -21.15
N ALA G 106 -0.45 -26.62 -21.80
CA ALA G 106 -0.34 -26.59 -23.26
C ALA G 106 0.74 -25.62 -23.74
N LEU G 107 1.64 -26.11 -24.59
CA LEU G 107 2.73 -25.29 -25.12
C LEU G 107 2.36 -24.68 -26.47
N TYR G 108 2.55 -23.37 -26.58
CA TYR G 108 2.27 -22.63 -27.80
C TYR G 108 3.62 -22.12 -28.31
N LEU G 109 4.07 -22.73 -29.40
CA LEU G 109 5.40 -22.49 -29.94
C LEU G 109 5.33 -22.04 -31.40
N THR G 110 5.89 -20.87 -31.67
CA THR G 110 5.91 -20.30 -33.00
C THR G 110 7.34 -20.41 -33.55
N PRO G 111 7.50 -20.87 -34.80
CA PRO G 111 8.86 -21.01 -35.34
C PRO G 111 9.64 -19.70 -35.35
N VAL G 112 10.95 -19.80 -35.14
CA VAL G 112 11.81 -18.62 -35.06
C VAL G 112 12.67 -18.67 -36.32
N SER G 113 11.97 -18.89 -37.44
CA SER G 113 12.57 -18.95 -38.77
C SER G 113 13.45 -20.19 -38.94
N SER G 114 13.44 -20.74 -40.15
CA SER G 114 14.27 -21.91 -40.46
C SER G 114 14.51 -22.10 -41.96
N ALA G 115 15.48 -22.96 -42.28
CA ALA G 115 15.72 -23.34 -43.66
C ALA G 115 14.69 -24.42 -43.95
N GLY G 116 14.69 -24.99 -45.14
CA GLY G 116 13.70 -26.00 -45.47
C GLY G 116 13.97 -27.31 -44.75
N GLY G 117 13.00 -28.22 -44.79
CA GLY G 117 13.16 -29.52 -44.16
C GLY G 117 12.69 -29.55 -42.72
N VAL G 118 12.93 -30.67 -42.05
CA VAL G 118 12.51 -30.87 -40.67
C VAL G 118 13.22 -29.94 -39.68
N ALA G 119 12.44 -29.21 -38.89
CA ALA G 119 13.00 -28.30 -37.88
C ALA G 119 12.88 -28.92 -36.47
N ILE G 120 11.88 -29.79 -36.29
CA ILE G 120 11.75 -30.60 -35.08
C ILE G 120 11.87 -32.03 -35.53
N LYS G 121 12.93 -32.69 -35.06
CA LYS G 121 13.19 -34.04 -35.52
C LYS G 121 12.33 -35.05 -34.78
N ALA G 122 11.82 -36.03 -35.52
CA ALA G 122 10.97 -37.07 -34.94
C ALA G 122 11.72 -37.98 -33.96
N GLY G 123 11.11 -38.23 -32.81
CA GLY G 123 11.70 -39.09 -31.80
C GLY G 123 12.54 -38.30 -30.82
N SER G 124 12.77 -37.03 -31.14
CA SER G 124 13.58 -36.14 -30.33
C SER G 124 12.90 -35.69 -29.06
N LEU G 125 13.69 -35.41 -28.02
CA LEU G 125 13.20 -34.75 -26.83
C LEU G 125 12.95 -33.29 -27.17
N ILE G 126 11.75 -32.80 -26.88
CA ILE G 126 11.38 -31.42 -27.15
C ILE G 126 11.15 -30.62 -25.88
N ALA G 127 10.86 -31.30 -24.77
CA ALA G 127 10.69 -30.59 -23.50
C ALA G 127 10.73 -31.51 -22.28
N VAL G 128 11.06 -30.92 -21.14
CA VAL G 128 10.96 -31.59 -19.84
C VAL G 128 10.15 -30.71 -18.90
N LEU G 129 8.94 -31.15 -18.59
CA LEU G 129 8.04 -30.41 -17.73
C LEU G 129 8.06 -31.05 -16.35
N ILE G 130 8.04 -30.19 -15.33
CA ILE G 130 8.07 -30.66 -13.95
C ILE G 130 6.79 -30.31 -13.23
N LEU G 131 6.07 -31.36 -12.82
CA LEU G 131 4.84 -31.20 -12.06
C LEU G 131 5.20 -31.35 -10.60
N ARG G 132 4.94 -30.30 -9.83
CA ARG G 132 5.19 -30.30 -8.41
C ARG G 132 3.90 -30.43 -7.62
N GLN G 133 3.88 -31.43 -6.75
CA GLN G 133 2.72 -31.76 -5.97
C GLN G 133 2.99 -31.55 -4.49
N THR G 134 2.05 -30.87 -3.85
CA THR G 134 2.07 -30.67 -2.41
C THR G 134 0.67 -30.85 -1.88
N ASN G 135 0.49 -30.67 -0.58
CA ASN G 135 -0.82 -30.79 0.03
C ASN G 135 -0.92 -29.92 1.27
N ASN G 136 -2.04 -30.00 1.97
CA ASN G 136 -2.26 -29.22 3.17
C ASN G 136 -2.01 -30.09 4.36
N TYR G 137 -2.01 -31.40 4.14
CA TYR G 137 -1.84 -32.33 5.23
C TYR G 137 -0.42 -32.31 5.77
N ASN G 138 0.60 -32.66 4.97
CA ASN G 138 1.94 -32.70 5.54
C ASN G 138 3.10 -32.15 4.70
N SER G 139 4.31 -32.57 5.07
CA SER G 139 5.55 -32.16 4.41
CA SER G 139 5.55 -32.16 4.41
C SER G 139 5.81 -32.92 3.12
N ASP G 140 4.78 -33.12 2.31
CA ASP G 140 5.00 -33.72 1.00
C ASP G 140 5.36 -32.69 -0.05
N ASP G 141 6.40 -33.00 -0.83
CA ASP G 141 6.85 -32.13 -1.90
C ASP G 141 7.48 -33.02 -2.97
N PHE G 142 6.63 -33.56 -3.83
CA PHE G 142 7.03 -34.55 -4.81
C PHE G 142 7.12 -33.92 -6.19
N GLN G 143 8.00 -34.48 -7.00
CA GLN G 143 8.20 -34.02 -8.35
C GLN G 143 7.77 -35.13 -9.32
N PHE G 144 6.91 -34.78 -10.28
CA PHE G 144 6.55 -35.70 -11.36
C PHE G 144 7.16 -35.11 -12.63
N VAL G 145 8.19 -35.77 -13.14
CA VAL G 145 8.96 -35.26 -14.26
C VAL G 145 8.46 -35.85 -15.57
N TRP G 146 8.11 -34.99 -16.51
CA TRP G 146 7.54 -35.42 -17.78
C TRP G 146 8.48 -35.12 -18.96
N ASN G 147 9.03 -36.18 -19.54
CA ASN G 147 9.89 -36.07 -20.72
C ASN G 147 9.10 -36.17 -22.01
N ILE G 148 8.94 -35.03 -22.69
CA ILE G 148 8.12 -34.95 -23.90
C ILE G 148 8.91 -35.28 -25.17
N TYR G 149 8.42 -36.29 -25.92
CA TYR G 149 9.03 -36.70 -27.18
C TYR G 149 8.09 -36.49 -28.36
N ALA G 150 8.65 -36.08 -29.50
CA ALA G 150 7.88 -35.89 -30.72
C ALA G 150 7.65 -37.20 -31.51
N ASN G 151 6.39 -37.48 -31.84
CA ASN G 151 6.02 -38.66 -32.63
C ASN G 151 6.17 -38.43 -34.11
N ASN G 152 6.27 -37.16 -34.49
CA ASN G 152 6.30 -36.77 -35.89
C ASN G 152 7.38 -35.77 -36.14
N ASP G 153 7.76 -35.67 -37.40
CA ASP G 153 8.66 -34.63 -37.84
C ASP G 153 7.82 -33.37 -37.93
N VAL G 154 8.45 -32.20 -37.85
CA VAL G 154 7.73 -30.96 -38.07
C VAL G 154 8.61 -30.24 -39.08
N VAL G 155 7.95 -29.75 -40.12
CA VAL G 155 8.64 -29.07 -41.21
C VAL G 155 8.26 -27.61 -41.34
N VAL G 156 9.23 -26.74 -41.17
CA VAL G 156 9.02 -25.33 -41.44
C VAL G 156 9.50 -25.10 -42.87
N PRO G 157 8.59 -24.80 -43.81
CA PRO G 157 9.13 -24.60 -45.16
C PRO G 157 9.99 -23.35 -45.22
N THR G 158 11.14 -23.45 -45.90
CA THR G 158 12.14 -22.38 -45.91
C THR G 158 11.56 -20.98 -46.08
N GLY G 159 11.76 -20.15 -45.06
CA GLY G 159 11.27 -18.78 -45.08
C GLY G 159 12.33 -17.77 -44.69
N GLY G 160 12.03 -16.52 -44.99
CA GLY G 160 12.87 -15.36 -44.67
C GLY G 160 14.32 -15.46 -44.27
N CYS G 161 14.64 -14.81 -43.15
CA CYS G 161 16.03 -14.67 -42.70
C CYS G 161 16.25 -14.94 -41.20
N ASP G 162 17.51 -15.22 -40.83
CA ASP G 162 17.86 -15.52 -39.43
C ASP G 162 19.21 -14.90 -39.06
N VAL G 163 19.45 -14.76 -37.75
CA VAL G 163 20.61 -14.06 -37.19
C VAL G 163 21.75 -15.00 -36.85
N SER G 164 22.94 -14.44 -36.68
CA SER G 164 24.11 -15.21 -36.29
C SER G 164 23.96 -15.74 -34.86
N ALA G 165 23.11 -15.08 -34.09
CA ALA G 165 22.89 -15.46 -32.69
C ALA G 165 21.60 -14.87 -32.13
N ARG G 166 20.82 -15.71 -31.47
CA ARG G 166 19.56 -15.29 -30.86
C ARG G 166 19.79 -14.52 -29.58
N ASP G 167 20.94 -14.79 -28.97
CA ASP G 167 21.33 -14.11 -27.75
C ASP G 167 22.82 -13.81 -27.77
N VAL G 168 23.15 -12.52 -27.77
CA VAL G 168 24.55 -12.07 -27.79
C VAL G 168 24.88 -11.36 -26.49
N THR G 169 26.12 -11.53 -26.04
CA THR G 169 26.61 -10.84 -24.86
C THR G 169 27.98 -10.26 -25.20
N VAL G 170 28.14 -8.96 -24.95
CA VAL G 170 29.41 -8.28 -25.19
C VAL G 170 29.85 -7.55 -23.93
N THR G 171 31.16 -7.42 -23.75
CA THR G 171 31.71 -6.78 -22.56
C THR G 171 32.43 -5.51 -22.95
N LEU G 172 31.98 -4.39 -22.39
CA LEU G 172 32.61 -3.10 -22.62
C LEU G 172 33.93 -3.00 -21.85
N PRO G 173 34.86 -2.17 -22.36
CA PRO G 173 36.01 -1.80 -21.52
C PRO G 173 35.55 -0.95 -20.35
N ASP G 174 36.39 -0.80 -19.32
CA ASP G 174 36.06 0.07 -18.20
C ASP G 174 35.75 1.47 -18.72
N TYR G 175 34.72 2.09 -18.14
CA TYR G 175 34.28 3.41 -18.58
C TYR G 175 35.46 4.37 -18.58
N PRO G 176 35.63 5.16 -19.65
CA PRO G 176 34.88 5.21 -20.91
C PRO G 176 35.44 4.26 -21.97
N GLY G 177 34.63 3.86 -22.94
CA GLY G 177 35.10 2.98 -24.00
C GLY G 177 33.99 2.45 -24.88
N SER G 178 34.34 1.53 -25.77
CA SER G 178 33.40 0.94 -26.70
C SER G 178 33.83 -0.46 -27.12
N VAL G 179 32.93 -1.19 -27.79
CA VAL G 179 33.24 -2.52 -28.30
C VAL G 179 32.29 -2.92 -29.43
N PRO G 180 32.81 -3.55 -30.49
CA PRO G 180 31.91 -4.00 -31.56
C PRO G 180 30.99 -5.15 -31.13
N ILE G 181 29.80 -5.21 -31.70
CA ILE G 181 28.85 -6.29 -31.43
C ILE G 181 28.78 -7.25 -32.62
N PRO G 182 29.45 -8.41 -32.54
CA PRO G 182 29.39 -9.35 -33.67
C PRO G 182 27.99 -9.92 -33.89
N LEU G 183 27.32 -9.44 -34.92
CA LEU G 183 25.95 -9.83 -35.22
C LEU G 183 25.60 -9.65 -36.69
N THR G 184 25.25 -10.74 -37.35
CA THR G 184 24.94 -10.70 -38.79
C THR G 184 23.55 -11.31 -39.05
N VAL G 185 23.05 -11.08 -40.26
CA VAL G 185 21.74 -11.59 -40.67
C VAL G 185 21.79 -12.00 -42.13
N TYR G 186 21.13 -13.10 -42.46
CA TYR G 186 21.06 -13.56 -43.85
C TYR G 186 19.69 -14.13 -44.18
N CYS G 187 19.31 -14.08 -45.45
CA CYS G 187 17.97 -14.50 -45.87
C CYS G 187 18.02 -15.61 -46.90
N ALA G 188 16.93 -16.37 -46.96
CA ALA G 188 16.83 -17.49 -47.88
C ALA G 188 16.96 -16.99 -49.31
N LYS G 189 16.31 -15.86 -49.58
CA LYS G 189 16.48 -15.14 -50.84
C LYS G 189 16.61 -13.64 -50.59
N SER G 190 16.86 -12.88 -51.65
CA SER G 190 17.08 -11.45 -51.53
C SER G 190 15.84 -10.75 -50.98
N GLN G 191 16.03 -10.00 -49.90
CA GLN G 191 14.96 -9.22 -49.27
C GLN G 191 15.39 -7.82 -48.88
N ASN G 192 14.50 -6.85 -49.09
CA ASN G 192 14.69 -5.51 -48.58
C ASN G 192 14.39 -5.49 -47.10
N LEU G 193 15.46 -5.57 -46.30
CA LEU G 193 15.34 -5.81 -44.87
C LEU G 193 15.69 -4.58 -44.05
N GLY G 194 15.12 -4.49 -42.85
CA GLY G 194 15.44 -3.43 -41.91
C GLY G 194 15.24 -3.91 -40.49
N TYR G 195 15.80 -3.19 -39.52
CA TYR G 195 15.65 -3.54 -38.11
C TYR G 195 15.49 -2.30 -37.24
N TYR G 196 14.90 -2.49 -36.06
CA TYR G 196 14.81 -1.40 -35.07
C TYR G 196 15.12 -1.96 -33.69
N LEU G 197 15.61 -1.09 -32.80
CA LEU G 197 16.00 -1.49 -31.46
C LEU G 197 14.85 -1.33 -30.49
N SER G 198 14.86 -2.12 -29.43
CA SER G 198 13.86 -2.05 -28.39
C SER G 198 14.54 -2.16 -27.04
N GLY G 199 14.00 -1.45 -26.06
CA GLY G 199 14.56 -1.46 -24.72
C GLY G 199 14.16 -0.22 -23.95
N THR G 200 14.57 -0.17 -22.69
CA THR G 200 14.25 0.96 -21.81
C THR G 200 15.30 2.05 -21.92
N THR G 201 14.85 3.28 -22.08
CA THR G 201 15.74 4.42 -22.27
C THR G 201 15.58 5.45 -21.17
N ALA G 202 16.64 6.23 -20.96
CA ALA G 202 16.71 7.20 -19.87
C ALA G 202 16.58 8.63 -20.37
N ASP G 203 16.85 8.84 -21.66
CA ASP G 203 16.83 10.18 -22.23
C ASP G 203 15.56 10.39 -23.04
N ALA G 204 15.24 11.65 -23.28
CA ALA G 204 14.07 12.00 -24.08
C ALA G 204 14.27 11.62 -25.54
N GLY G 205 15.54 11.52 -25.93
CA GLY G 205 15.88 11.15 -27.29
C GLY G 205 15.62 9.69 -27.58
N ASN G 206 15.40 8.92 -26.53
CA ASN G 206 15.08 7.49 -26.66
C ASN G 206 16.24 6.72 -27.30
N SER G 207 17.46 7.02 -26.87
CA SER G 207 18.66 6.45 -27.45
C SER G 207 19.64 5.87 -26.42
N ILE G 208 19.57 6.36 -25.18
CA ILE G 208 20.43 5.87 -24.11
C ILE G 208 19.69 4.84 -23.29
N PHE G 209 20.12 3.59 -23.39
CA PHE G 209 19.45 2.50 -22.71
C PHE G 209 19.84 2.42 -21.23
N THR G 210 18.84 2.14 -20.40
CA THR G 210 18.98 2.15 -18.95
C THR G 210 19.96 1.09 -18.43
N ASN G 211 20.60 1.39 -17.31
CA ASN G 211 21.47 0.45 -16.65
C ASN G 211 20.62 -0.49 -15.79
N THR G 212 20.47 -1.72 -16.26
CA THR G 212 19.61 -2.70 -15.59
C THR G 212 20.46 -3.76 -14.90
N ALA G 213 21.67 -3.36 -14.50
CA ALA G 213 22.59 -4.21 -13.73
C ALA G 213 22.08 -4.40 -12.30
N SER G 214 22.16 -5.63 -11.80
CA SER G 214 21.56 -5.99 -10.51
C SER G 214 22.28 -5.56 -9.23
N PHE G 215 23.53 -5.98 -9.05
CA PHE G 215 24.23 -5.80 -7.78
C PHE G 215 25.34 -4.78 -7.87
N SER G 216 25.29 -3.80 -6.96
CA SER G 216 26.26 -2.71 -6.91
C SER G 216 26.38 -2.02 -8.26
N PRO G 217 25.23 -1.59 -8.82
CA PRO G 217 25.29 -0.98 -10.14
C PRO G 217 25.88 0.43 -10.11
N ALA G 218 26.51 0.81 -11.21
CA ALA G 218 27.01 2.16 -11.37
C ALA G 218 25.81 3.07 -11.60
N GLN G 219 25.92 4.32 -11.18
CA GLN G 219 24.84 5.28 -11.38
C GLN G 219 25.31 6.33 -12.36
N GLY G 220 24.38 6.96 -13.04
CA GLY G 220 24.68 8.05 -13.95
C GLY G 220 25.08 7.66 -15.36
N VAL G 221 25.17 6.36 -15.64
CA VAL G 221 25.58 5.89 -16.97
C VAL G 221 24.59 4.92 -17.59
N GLY G 222 24.59 4.88 -18.92
CA GLY G 222 23.79 3.94 -19.68
C GLY G 222 24.55 3.49 -20.91
N VAL G 223 23.91 2.70 -21.76
CA VAL G 223 24.51 2.20 -22.98
C VAL G 223 23.85 2.80 -24.21
N GLN G 224 24.65 3.09 -25.23
CA GLN G 224 24.16 3.69 -26.46
C GLN G 224 24.83 3.05 -27.66
N LEU G 225 24.02 2.60 -28.62
CA LEU G 225 24.54 1.89 -29.79
C LEU G 225 24.75 2.86 -30.94
N THR G 226 25.80 2.59 -31.73
CA THR G 226 26.14 3.42 -32.87
C THR G 226 26.45 2.54 -34.07
N ARG G 227 26.36 3.14 -35.26
CA ARG G 227 26.71 2.47 -36.49
C ARG G 227 27.47 3.46 -37.37
N ASN G 228 28.75 3.17 -37.57
CA ASN G 228 29.66 4.10 -38.24
C ASN G 228 29.76 5.42 -37.46
N GLY G 229 29.52 5.35 -36.16
CA GLY G 229 29.63 6.52 -35.30
C GLY G 229 28.33 7.27 -35.06
N THR G 230 27.30 6.97 -35.85
CA THR G 230 26.00 7.64 -35.73
C THR G 230 25.12 6.99 -34.66
N ILE G 231 24.60 7.79 -33.74
CA ILE G 231 23.73 7.29 -32.68
C ILE G 231 22.39 6.79 -33.22
N ILE G 232 21.97 5.63 -32.72
CA ILE G 232 20.73 4.97 -33.13
C ILE G 232 19.69 4.92 -32.00
N PRO G 233 18.61 5.71 -32.13
CA PRO G 233 17.57 5.65 -31.08
C PRO G 233 16.74 4.36 -31.15
N ALA G 234 16.04 4.06 -30.07
CA ALA G 234 15.11 2.93 -30.04
C ALA G 234 13.90 3.25 -30.91
N ASN G 235 13.26 2.21 -31.43
CA ASN G 235 12.07 2.36 -32.26
C ASN G 235 12.33 3.28 -33.46
N ASN G 236 13.53 3.15 -34.03
CA ASN G 236 13.90 3.83 -35.26
C ASN G 236 14.48 2.82 -36.22
N THR G 237 13.74 2.53 -37.29
CA THR G 237 14.11 1.45 -38.21
C THR G 237 15.39 1.80 -39.00
N VAL G 238 16.43 0.99 -38.79
CA VAL G 238 17.66 1.08 -39.57
C VAL G 238 17.63 0.20 -40.81
N SER G 239 17.80 0.80 -41.97
CA SER G 239 17.76 0.08 -43.24
C SER G 239 19.12 -0.57 -43.55
N LEU G 240 19.06 -1.84 -43.94
CA LEU G 240 20.24 -2.61 -44.36
C LEU G 240 20.25 -2.81 -45.87
N GLY G 241 19.18 -2.39 -46.54
CA GLY G 241 19.05 -2.59 -47.96
C GLY G 241 18.71 -4.04 -48.29
N ALA G 242 19.14 -4.49 -49.46
CA ALA G 242 18.88 -5.86 -49.88
C ALA G 242 19.82 -6.83 -49.17
N VAL G 243 19.22 -7.84 -48.53
CA VAL G 243 19.98 -8.89 -47.84
C VAL G 243 19.67 -10.26 -48.42
N GLY G 244 20.70 -10.96 -48.87
CA GLY G 244 20.56 -12.29 -49.45
C GLY G 244 21.13 -13.39 -48.58
N THR G 245 21.62 -14.44 -49.21
CA THR G 245 22.18 -15.59 -48.50
C THR G 245 23.50 -15.26 -47.82
N SER G 246 24.24 -14.27 -48.34
CA SER G 246 25.48 -13.82 -47.72
C SER G 246 25.20 -12.97 -46.46
N ALA G 247 25.88 -13.30 -45.37
CA ALA G 247 25.64 -12.62 -44.09
C ALA G 247 26.09 -11.15 -44.14
N VAL G 248 25.22 -10.27 -43.65
CA VAL G 248 25.53 -8.84 -43.60
C VAL G 248 25.54 -8.39 -42.14
N SER G 249 26.61 -7.69 -41.73
CA SER G 249 26.75 -7.24 -40.35
C SER G 249 25.96 -5.95 -40.13
N LEU G 250 25.33 -5.84 -38.97
CA LEU G 250 24.58 -4.63 -38.63
C LEU G 250 25.53 -3.49 -38.26
N GLY G 251 26.79 -3.82 -38.00
CA GLY G 251 27.80 -2.81 -37.72
C GLY G 251 27.52 -2.08 -36.42
N LEU G 252 26.88 -2.76 -35.48
CA LEU G 252 26.50 -2.13 -34.23
C LEU G 252 27.69 -2.12 -33.29
N THR G 253 27.89 -0.98 -32.62
CA THR G 253 28.95 -0.83 -31.62
C THR G 253 28.35 -0.19 -30.40
N ALA G 254 28.63 -0.77 -29.24
CA ALA G 254 28.11 -0.24 -27.98
C ALA G 254 29.06 0.79 -27.38
N ASN G 255 28.48 1.87 -26.87
CA ASN G 255 29.21 2.91 -26.17
C ASN G 255 28.56 3.27 -24.85
N TYR G 256 29.36 3.82 -23.94
CA TYR G 256 28.83 4.39 -22.72
C TYR G 256 28.20 5.74 -22.99
N ALA G 257 27.24 6.11 -22.15
CA ALA G 257 26.62 7.42 -22.23
C ALA G 257 26.15 7.85 -20.86
N ARG G 258 26.48 9.09 -20.50
CA ARG G 258 26.05 9.66 -19.22
C ARG G 258 24.58 10.04 -19.29
N THR G 259 23.85 9.76 -18.20
CA THR G 259 22.44 10.09 -18.12
C THR G 259 22.22 11.49 -17.53
N GLY G 260 23.01 11.90 -16.56
CA GLY G 260 22.89 13.24 -16.01
C GLY G 260 23.34 13.36 -14.57
N GLY G 261 22.93 12.41 -13.74
CA GLY G 261 23.28 12.44 -12.34
C GLY G 261 24.74 12.11 -12.09
N GLN G 262 25.09 11.98 -10.82
CA GLN G 262 26.47 11.67 -10.44
C GLN G 262 26.86 10.31 -10.96
N VAL G 263 28.09 10.21 -11.44
CA VAL G 263 28.61 8.95 -11.93
C VAL G 263 29.38 8.26 -10.81
N THR G 264 28.84 7.13 -10.36
CA THR G 264 29.44 6.37 -9.28
C THR G 264 29.96 5.05 -9.82
N ALA G 265 30.91 4.45 -9.11
CA ALA G 265 31.49 3.18 -9.50
C ALA G 265 30.46 2.07 -9.37
N GLY G 266 30.58 1.03 -10.19
CA GLY G 266 29.65 -0.08 -10.15
C GLY G 266 29.48 -0.78 -11.48
N ASN G 267 28.68 -1.83 -11.47
CA ASN G 267 28.39 -2.61 -12.68
C ASN G 267 27.46 -1.88 -13.63
N VAL G 268 27.59 -2.18 -14.92
CA VAL G 268 26.71 -1.66 -15.95
C VAL G 268 26.15 -2.82 -16.77
N GLN G 269 24.85 -2.76 -17.07
CA GLN G 269 24.20 -3.78 -17.88
C GLN G 269 22.98 -3.22 -18.58
N SER G 270 22.82 -3.58 -19.85
CA SER G 270 21.66 -3.16 -20.63
C SER G 270 21.28 -4.24 -21.61
N ILE G 271 20.03 -4.69 -21.55
CA ILE G 271 19.51 -5.66 -22.51
C ILE G 271 18.81 -4.88 -23.61
N ILE G 272 19.22 -5.10 -24.85
CA ILE G 272 18.65 -4.38 -25.99
C ILE G 272 18.07 -5.38 -26.98
N GLY G 273 16.80 -5.16 -27.34
CA GLY G 273 16.11 -6.04 -28.26
C GLY G 273 16.21 -5.57 -29.70
N VAL G 274 16.44 -6.51 -30.60
CA VAL G 274 16.48 -6.23 -32.03
C VAL G 274 15.38 -6.98 -32.77
N THR G 275 14.57 -6.25 -33.53
CA THR G 275 13.47 -6.85 -34.29
C THR G 275 13.55 -6.46 -35.76
N PHE G 276 13.39 -7.43 -36.66
CA PHE G 276 13.48 -7.19 -38.10
C PHE G 276 12.12 -6.94 -38.75
N VAL G 277 12.14 -6.20 -39.87
CA VAL G 277 10.93 -5.85 -40.60
C VAL G 277 11.21 -5.82 -42.10
N TYR G 278 10.21 -6.16 -42.90
CA TYR G 278 10.31 -6.06 -44.36
C TYR G 278 10.05 -4.67 -44.90
N GLN G 279 10.78 -4.33 -45.97
CA GLN G 279 10.60 -3.06 -46.68
C GLN G 279 10.35 -3.31 -48.16
N ALA H 1 10.71 -10.08 -29.68
CA ALA H 1 11.96 -9.67 -30.31
C ALA H 1 12.66 -10.88 -30.93
N ASP H 2 13.40 -10.62 -32.01
CA ASP H 2 14.13 -11.67 -32.72
C ASP H 2 15.49 -11.98 -32.11
N SER H 3 16.12 -10.98 -31.48
CA SER H 3 17.40 -11.19 -30.81
C SER H 3 17.55 -10.24 -29.63
N THR H 4 18.38 -10.62 -28.68
CA THR H 4 18.63 -9.82 -27.48
C THR H 4 20.13 -9.63 -27.29
N ILE H 5 20.55 -8.37 -27.24
CA ILE H 5 21.96 -8.05 -27.02
C ILE H 5 22.16 -7.67 -25.56
N THR H 6 23.09 -8.36 -24.91
CA THR H 6 23.39 -8.10 -23.51
C THR H 6 24.76 -7.44 -23.36
N ILE H 7 24.75 -6.14 -23.07
CA ILE H 7 25.97 -5.36 -22.93
C ILE H 7 26.34 -5.12 -21.48
N ARG H 8 27.55 -5.56 -21.09
CA ARG H 8 28.04 -5.36 -19.72
C ARG H 8 29.26 -4.43 -19.67
N GLY H 9 29.41 -3.72 -18.56
CA GLY H 9 30.50 -2.78 -18.36
C GLY H 9 30.73 -2.46 -16.89
N TYR H 10 31.86 -1.81 -16.59
CA TYR H 10 32.18 -1.42 -15.22
C TYR H 10 32.76 0.00 -15.11
N VAL H 11 32.51 0.63 -13.96
CA VAL H 11 33.11 1.92 -13.62
C VAL H 11 33.91 1.81 -12.32
N ARG H 12 35.22 2.07 -12.38
CA ARG H 12 36.08 1.97 -11.20
C ARG H 12 36.30 3.37 -10.62
N ASP H 13 36.59 3.44 -9.33
CA ASP H 13 36.78 4.72 -8.66
C ASP H 13 38.03 5.42 -9.16
O6 KGM I . -13.85 59.35 27.70
C6 KGM I . -14.80 59.00 26.72
C5 KGM I . -15.50 60.25 26.20
C10 KGM I . -17.25 64.99 29.34
O5 KGM I . -14.53 61.21 25.90
C4 KGM I . -16.31 59.88 24.97
O4 KGM I . -17.47 59.21 25.40
C3 KGM I . -16.70 61.11 24.16
O3 KGM I . -17.21 60.68 22.92
C2 KGM I . -15.50 61.99 23.92
O2 KGM I . -14.52 61.28 23.20
C1 KGM I . -14.94 62.37 25.27
O1 KGM I . -15.96 63.00 26.03
C7 KGM I . -15.93 64.41 26.04
C8 KGM I . -15.66 64.86 27.46
C9 KGM I . -16.86 65.60 28.02
C13 KGM I . -19.04 68.07 30.46
C12 KGM I . -17.98 67.01 30.60
C11 KGM I . -18.43 65.76 29.90
H131 KGM I . -18.89 68.79 31.12
H132 KGM I . -19.93 67.68 30.61
H133 KGM I . -19.01 68.46 29.56
H121 KGM I . -17.14 67.33 30.18
H122 KGM I . -17.82 66.83 31.55
H111 KGM I . -19.03 66.00 29.17
H112 KGM I . -18.92 65.19 30.54
H101 KGM I . -17.50 64.05 29.21
H102 KGM I . -16.50 65.04 29.98
H91C KGM I . -16.64 66.54 28.14
H92C KGM I . -17.60 65.51 27.40
H81C KGM I . -15.47 64.08 28.00
H82C KGM I . -14.88 65.46 27.46
H71C KGM I . -15.23 64.72 25.44
H72C KGM I . -16.80 64.76 25.74
H1 KGM I . -14.18 62.98 25.15
H2 KGM I . -15.76 62.79 23.43
HO2 KGM I . -14.92 60.63 22.73
H3 KGM I . -17.39 61.61 24.63
HO3 KGM I . -17.96 61.12 22.74
H4 KGM I . -15.78 59.27 24.42
HO4 KGM I . -17.49 58.40 25.04
H5 KGM I . -16.10 60.60 26.90
H61 KGM I . -14.35 58.56 25.97
H62 KGM I . -15.46 58.40 27.10
HO6 KGM I . -13.99 60.19 27.96
S SO4 J . 28.67 11.10 -23.24
O1 SO4 J . 29.98 11.77 -23.30
O2 SO4 J . 27.64 12.04 -23.68
O3 SO4 J . 28.42 10.67 -21.87
O4 SO4 J . 28.69 9.93 -24.12
O6 KGM K . -24.32 -29.46 11.77
C6 KGM K . -24.66 -28.93 13.03
C5 KGM K . -25.07 -30.04 13.98
C10 KGM K . -28.07 -36.49 12.46
O5 KGM K . -24.24 -31.15 13.79
C4 KGM K . -24.96 -29.51 15.40
O4 KGM K . -25.99 -28.59 15.62
C3 KGM K . -25.09 -30.65 16.40
O3 KGM K . -24.90 -30.17 17.70
C2 KGM K . -24.06 -31.71 16.07
O2 KGM K . -22.78 -31.12 16.12
C1 KGM K . -24.30 -32.21 14.67
O1 KGM K . -25.57 -32.84 14.60
C7 KGM K . -25.81 -33.54 13.39
C8 KGM K . -26.76 -34.71 13.62
C9 KGM K . -27.01 -35.41 12.31
C13 KGM K . -31.06 -34.99 10.70
C12 KGM K . -29.99 -36.02 10.98
C11 KGM K . -29.43 -35.85 12.38
H131 KGM K . -31.22 -34.93 9.75
H132 KGM K . -30.77 -34.12 11.05
H133 KGM K . -31.89 -35.26 11.15
H121 KGM K . -29.26 -35.90 10.34
H122 KGM K . -30.36 -36.92 10.88
H111 KGM K . -29.37 -34.90 12.60
H112 KGM K . -30.04 -36.28 13.02
H101 KGM K . -27.97 -37.14 11.74
H102 KGM K . -27.95 -36.93 13.33
H91C KGM K . -27.32 -34.76 11.65
H92C KGM K . -26.18 -35.81 12.00
H81C KGM K . -26.37 -35.33 14.26
H82C KGM K . -27.61 -34.36 13.99
H71C KGM K . -26.20 -32.93 12.73
H72C KGM K . -24.96 -33.89 13.05
H1 KGM K . -23.61 -32.87 14.44
H2 KGM K . -24.12 -32.44 16.71
HO2 KGM K . -22.35 -31.27 15.36
H3 KGM K . -25.99 -31.04 16.33
HO3 KGM K . -24.09 -29.80 17.75
H4 KGM K . -24.09 -29.07 15.51
HO4 KGM K . -25.67 -27.77 15.53
H5 KGM K . -26.00 -30.30 13.80
H61 KGM K . -23.88 -28.46 13.40
H62 KGM K . -25.41 -28.30 12.92
HO6 KGM K . -24.90 -30.11 11.56
S SO4 L . -24.21 -13.88 31.04
O1 SO4 L . -22.81 -14.35 31.14
O2 SO4 L . -24.34 -13.00 29.88
O3 SO4 L . -24.54 -13.14 32.26
O4 SO4 L . -25.09 -15.02 30.88
O6 KGM M . 20.10 -6.80 3.74
C6 KGM M . 20.94 -5.72 3.40
C5 KGM M . 21.72 -6.01 2.13
C10 KGM M . 27.57 -5.88 1.62
O5 KGM M . 21.78 -7.38 1.94
C4 KGM M . 21.05 -5.36 0.93
O4 KGM M . 21.07 -3.97 1.08
C3 KGM M . 21.80 -5.76 -0.34
O3 KGM M . 21.12 -5.25 -1.46
C2 KGM M . 21.79 -7.27 -0.42
O2 KGM M . 20.47 -7.70 -0.51
C1 KGM M . 22.44 -7.84 0.81
O1 KGM M . 23.78 -7.41 0.84
C7 KGM M . 24.60 -8.22 1.65
C8 KGM M . 25.71 -7.36 2.20
C9 KGM M . 26.64 -6.93 1.08
C13 KGM M . 31.30 -6.41 1.63
C12 KGM M . 29.87 -6.89 1.82
C11 KGM M . 28.93 -6.04 0.97
H131 KGM M . 31.85 -6.75 2.36
H132 KGM M . 31.31 -5.42 1.65
H133 KGM M . 31.64 -6.72 0.77
H121 KGM M . 29.80 -7.83 1.53
H122 KGM M . 29.61 -6.82 2.76
H111 KGM M . 28.82 -6.46 0.09
H112 KGM M . 29.34 -5.16 0.85
H101 KGM M . 27.23 -4.99 1.42
H102 KGM M . 27.66 -5.98 2.60
H91C KGM M . 27.16 -7.70 0.78
H92C KGM M . 26.11 -6.57 0.34
H81C KGM M . 25.33 -6.57 2.62
H82C KGM M . 26.22 -7.88 2.87
H71C KGM M . 24.08 -8.60 2.39
H72C KGM M . 24.98 -8.94 1.11
H1 KGM M . 22.41 -8.82 0.78
H2 KGM M . 22.30 -7.56 -1.22
HO2 KGM M . 20.09 -7.36 -1.23
H3 KGM M . 22.70 -5.42 -0.31
HO3 KGM M . 20.95 -4.39 -1.33
H4 KGM M . 20.13 -5.67 0.88
HO4 KGM M . 20.30 -3.70 1.41
H5 KGM M . 22.63 -5.66 2.24
H61 KGM M . 20.37 -4.92 3.26
H62 KGM M . 21.56 -5.54 4.14
HO6 KGM M . 20.55 -7.56 3.63
O6 KGM N . -3.66 -38.20 -2.82
C6 KGM N . -3.68 -37.90 -1.45
C5 KGM N . -2.32 -38.18 -0.84
C10 KGM N . -3.11 -41.26 4.71
O5 KGM N . -1.90 -39.47 -1.18
C4 KGM N . -1.30 -37.19 -1.36
O4 KGM N . -1.67 -35.88 -1.02
C3 KGM N . 0.03 -37.54 -0.71
O3 KGM N . 1.02 -36.64 -1.10
C2 KGM N . 0.41 -38.95 -1.14
O2 KGM N . 0.54 -38.99 -2.55
C1 KGM N . -0.67 -39.91 -0.71
O1 KGM N . -0.69 -39.96 0.71
C7 KGM N . -1.52 -40.96 1.26
C8 KGM N . -1.66 -40.74 2.75
C9 KGM N . -3.00 -41.26 3.20
C13 KGM N . -5.58 -43.19 6.89
C12 KGM N . -4.37 -42.33 6.60
C11 KGM N . -4.22 -42.21 5.09
H131 KGM N . -5.58 -43.97 6.28
H132 KGM N . -5.54 -43.50 7.81
H133 KGM N . -6.39 -42.68 6.75
H121 KGM N . -3.57 -42.75 6.97
H122 KGM N . -4.49 -41.44 6.98
H111 KGM N . -5.07 -41.89 4.72
H112 KGM N . -4.03 -43.10 4.72
H101 KGM N . -2.27 -41.57 5.11
H102 KGM N . -3.32 -40.36 5.02
H91C KGM N . -3.71 -40.71 2.82
H92C KGM N . -3.11 -42.18 2.87
H81C KGM N . -1.60 -39.77 2.95
H82C KGM N . -0.94 -41.20 3.22
H71C KGM N . -2.40 -40.90 0.85
H72C KGM N . -1.14 -41.85 1.09
H1 KGM N . -0.49 -40.80 -1.07
H2 KGM N . 1.26 -39.20 -0.73
HO2 KGM N . 1.41 -38.92 -2.77
H3 KGM N . -0.06 -37.53 0.26
HO3 KGM N . 1.26 -36.15 -0.40
H4 KGM N . -1.24 -37.27 -2.33
HO4 KGM N . -1.07 -35.32 -1.35
H5 KGM N . -2.38 -38.11 0.13
H61 KGM N . -3.91 -36.95 -1.32
H62 KGM N . -4.36 -38.45 -1.00
HO6 KGM N . -3.99 -37.52 -3.28
#